data_4OWM
#
_entry.id   4OWM
#
_cell.length_a   79.274
_cell.length_b   91.990
_cell.length_c   120.892
_cell.angle_alpha   90.000
_cell.angle_beta   90.000
_cell.angle_gamma   90.000
#
_symmetry.space_group_name_H-M   'P 21 21 21'
#
loop_
_entity.id
_entity.type
_entity.pdbx_description
1 polymer 'Anthranilate phosphoribosyltransferase'
2 non-polymer 'MAGNESIUM ION'
3 non-polymer 1-O-pyrophosphono-5-O-phosphono-alpha-D-ribofuranose
4 non-polymer '2-azanyl-3-fluoranyl-benzoic acid'
5 non-polymer GLYCEROL
6 non-polymer IMIDAZOLE
7 water water
#
_entity_poly.entity_id   1
_entity_poly.type   'polypeptide(L)'
_entity_poly.pdbx_seq_one_letter_code
;MALSAEGSSGGSRGGSPKAEAASVPSWPQILGRLTDNRDLARGQAAWAMDQIMTGNARPAQIAAFAVAMTMKAPTADEVG
ELAGVMLSHAHPLPADTVPDDAVDVVGTGGDGVNTVNLSTMAAIVVAAAGVPVVKHGNRAASSLSGGADTLEALGVRIDL
GPDLVARSLAEVGIGFCFAPRFHPSYRHAAAVRREIGVPTVFNLLGPLTNPARPRAGLIGCAFADLAEVMAGVFAARRSS
VLVVHGDDGLDELTTTTTSTIWRVAAGSVDKLTFDPAGFGFARAQLDQLAGGDAQANAAAVRAVLGGARGPVRDAVVLNA
AGAIVAHAGLSSRAEWLPAWEEGLRRASAAIDTGAAEQLLARWVRFGRQILEHHHHHH
;
_entity_poly.pdbx_strand_id   A,B
#
loop_
_chem_comp.id
_chem_comp.type
_chem_comp.name
_chem_comp.formula
3F0 non-polymer '2-azanyl-3-fluoranyl-benzoic acid' 'C7 H6 F N O2'
GOL non-polymer GLYCEROL 'C3 H8 O3'
IMD non-polymer IMIDAZOLE 'C3 H5 N2 1'
MG non-polymer 'MAGNESIUM ION' 'Mg 2'
PRP D-saccharide 1-O-pyrophosphono-5-O-phosphono-alpha-D-ribofuranose 'C5 H13 O14 P3'
#
# COMPACT_ATOMS: atom_id res chain seq x y z
N PRO A 25 11.11 0.23 -17.03
CA PRO A 25 10.18 0.50 -15.93
C PRO A 25 9.00 -0.46 -15.88
N SER A 26 8.62 -0.88 -14.68
CA SER A 26 7.45 -1.71 -14.54
C SER A 26 6.89 -1.55 -13.14
N TRP A 27 5.65 -1.99 -12.96
CA TRP A 27 5.04 -1.94 -11.67
C TRP A 27 5.78 -2.79 -10.66
N PRO A 28 6.20 -4.02 -11.05
CA PRO A 28 6.93 -4.81 -10.06
C PRO A 28 8.23 -4.15 -9.63
N GLN A 29 8.93 -3.50 -10.55
CA GLN A 29 10.18 -2.84 -10.24
C GLN A 29 9.95 -1.62 -9.33
N ILE A 30 8.99 -0.79 -9.68
CA ILE A 30 8.73 0.44 -8.94
C ILE A 30 8.12 0.16 -7.58
N LEU A 31 7.10 -0.70 -7.55
CA LEU A 31 6.50 -1.12 -6.27
C LEU A 31 7.49 -1.83 -5.35
N GLY A 32 8.34 -2.69 -5.90
CA GLY A 32 9.38 -3.38 -5.09
C GLY A 32 10.35 -2.40 -4.46
N ARG A 33 10.72 -1.39 -5.23
CA ARG A 33 11.63 -0.36 -4.76
C ARG A 33 10.99 0.38 -3.59
N LEU A 34 9.72 0.75 -3.72
CA LEU A 34 9.00 1.48 -2.67
C LEU A 34 8.76 0.61 -1.43
N THR A 35 8.42 -0.65 -1.61
CA THR A 35 8.22 -1.55 -0.45
C THR A 35 9.56 -1.87 0.22
N ASP A 36 10.66 -1.79 -0.53
CA ASP A 36 11.99 -1.85 0.05
C ASP A 36 12.37 -0.54 0.75
N ASN A 37 11.47 0.44 0.82
CA ASN A 37 11.73 1.72 1.49
C ASN A 37 12.85 2.54 0.83
N ARG A 38 12.96 2.42 -0.49
CA ARG A 38 13.95 3.18 -1.27
C ARG A 38 13.27 4.28 -2.07
N ASP A 39 13.93 5.43 -2.17
CA ASP A 39 13.48 6.46 -3.10
C ASP A 39 13.56 5.91 -4.53
N LEU A 40 12.67 6.38 -5.38
CA LEU A 40 12.66 5.95 -6.76
C LEU A 40 13.79 6.59 -7.55
N ALA A 41 14.13 5.99 -8.69
CA ALA A 41 15.06 6.64 -9.60
C ALA A 41 14.31 7.75 -10.33
N ARG A 42 15.04 8.76 -10.76
CA ARG A 42 14.46 9.87 -11.54
C ARG A 42 13.70 9.29 -12.75
N GLY A 43 12.49 9.79 -13.00
CA GLY A 43 11.63 9.32 -14.10
C GLY A 43 10.63 8.23 -13.73
N GLN A 44 10.88 7.48 -12.67
CA GLN A 44 10.00 6.35 -12.31
C GLN A 44 8.63 6.83 -11.80
N ALA A 45 8.61 7.85 -10.95
CA ALA A 45 7.34 8.39 -10.49
C ALA A 45 6.57 8.94 -11.68
N ALA A 46 7.28 9.61 -12.58
CA ALA A 46 6.64 10.14 -13.78
C ALA A 46 6.04 9.02 -14.65
N TRP A 47 6.77 7.91 -14.77
CA TRP A 47 6.27 6.77 -15.58
C TRP A 47 4.99 6.25 -14.96
N ALA A 48 5.01 6.08 -13.64
CA ALA A 48 3.85 5.59 -12.92
C ALA A 48 2.68 6.52 -13.09
N MET A 49 2.90 7.81 -12.89
CA MET A 49 1.80 8.75 -13.02
C MET A 49 1.25 8.78 -14.43
N ASP A 50 2.09 8.63 -15.44
CA ASP A 50 1.58 8.69 -16.79
C ASP A 50 0.76 7.44 -17.13
N GLN A 51 1.19 6.27 -16.63
CA GLN A 51 0.36 5.06 -16.75
C GLN A 51 -1.02 5.30 -16.12
N ILE A 52 -1.03 5.91 -14.94
CA ILE A 52 -2.27 6.23 -14.22
C ILE A 52 -3.14 7.18 -15.01
N MET A 53 -2.52 8.18 -15.62
CA MET A 53 -3.26 9.27 -16.28
C MET A 53 -3.77 8.86 -17.66
N THR A 54 -3.15 7.86 -18.27
CA THR A 54 -3.56 7.38 -19.58
C THR A 54 -4.52 6.21 -19.49
N GLY A 55 -4.95 5.87 -18.27
CA GLY A 55 -5.84 4.74 -18.09
C GLY A 55 -5.20 3.39 -18.25
N ASN A 56 -3.88 3.32 -18.21
CA ASN A 56 -3.17 2.05 -18.39
C ASN A 56 -2.85 1.30 -17.13
N ALA A 57 -3.10 1.90 -15.98
CA ALA A 57 -2.83 1.24 -14.70
C ALA A 57 -4.11 0.59 -14.19
N ARG A 58 -4.01 -0.67 -13.77
CA ARG A 58 -5.12 -1.33 -13.07
C ARG A 58 -5.37 -0.67 -11.73
N PRO A 59 -6.63 -0.61 -11.28
CA PRO A 59 -6.92 -0.04 -9.96
C PRO A 59 -6.03 -0.60 -8.84
N ALA A 60 -5.74 -1.89 -8.86
CA ALA A 60 -4.82 -2.50 -7.87
C ALA A 60 -3.43 -1.87 -7.93
N GLN A 61 -2.94 -1.59 -9.13
CA GLN A 61 -1.64 -0.95 -9.30
C GLN A 61 -1.65 0.49 -8.82
N ILE A 62 -2.71 1.22 -9.11
CA ILE A 62 -2.84 2.58 -8.64
C ILE A 62 -2.80 2.64 -7.10
N ALA A 63 -3.58 1.77 -6.46
CA ALA A 63 -3.65 1.72 -5.00
C ALA A 63 -2.31 1.32 -4.40
N ALA A 64 -1.67 0.29 -4.94
CA ALA A 64 -0.37 -0.14 -4.41
C ALA A 64 0.67 0.95 -4.46
N PHE A 65 0.69 1.66 -5.59
CA PHE A 65 1.63 2.76 -5.78
C PHE A 65 1.37 3.89 -4.78
N ALA A 66 0.11 4.29 -4.66
CA ALA A 66 -0.26 5.39 -3.77
C ALA A 66 0.11 5.09 -2.31
N VAL A 67 -0.23 3.89 -1.86
CA VAL A 67 0.05 3.49 -0.50
C VAL A 67 1.55 3.31 -0.30
N ALA A 68 2.22 2.58 -1.20
CA ALA A 68 3.67 2.34 -1.03
C ALA A 68 4.46 3.68 -1.02
N MET A 69 4.08 4.61 -1.87
CA MET A 69 4.82 5.84 -1.87
C MET A 69 4.58 6.65 -0.61
N THR A 70 3.36 6.60 -0.10
CA THR A 70 3.01 7.24 1.15
C THR A 70 3.82 6.67 2.33
N MET A 71 3.91 5.35 2.43
CA MET A 71 4.59 4.73 3.55
C MET A 71 6.11 4.81 3.43
N LYS A 72 6.63 4.85 2.22
CA LYS A 72 8.05 5.14 2.02
C LYS A 72 8.40 6.60 2.50
N ALA A 73 7.46 7.53 2.32
CA ALA A 73 7.61 8.98 2.51
C ALA A 73 8.11 9.60 1.19
N PRO A 74 7.23 10.26 0.46
CA PRO A 74 7.64 10.77 -0.84
C PRO A 74 8.65 11.91 -0.75
N THR A 75 9.53 12.03 -1.74
CA THR A 75 10.43 13.17 -1.83
C THR A 75 9.79 14.27 -2.66
N ALA A 76 10.35 15.48 -2.53
CA ALA A 76 9.95 16.62 -3.38
C ALA A 76 10.13 16.28 -4.85
N ASP A 77 11.23 15.64 -5.20
CA ASP A 77 11.46 15.28 -6.58
C ASP A 77 10.41 14.31 -7.09
N GLU A 78 10.01 13.34 -6.27
CA GLU A 78 9.02 12.37 -6.73
C GLU A 78 7.67 13.04 -6.90
N VAL A 79 7.30 13.88 -5.94
CA VAL A 79 5.99 14.56 -6.01
C VAL A 79 5.93 15.54 -7.19
N GLY A 80 7.05 16.22 -7.45
CA GLY A 80 7.20 17.07 -8.63
C GLY A 80 6.95 16.33 -9.94
N GLU A 81 7.39 15.07 -10.00
CA GLU A 81 7.11 14.24 -11.16
C GLU A 81 5.63 13.92 -11.28
N LEU A 82 5.02 13.54 -10.16
CA LEU A 82 3.60 13.23 -10.12
C LEU A 82 2.76 14.42 -10.57
N ALA A 83 3.00 15.56 -9.95
CA ALA A 83 2.24 16.76 -10.29
C ALA A 83 2.51 17.25 -11.70
N GLY A 84 3.77 17.23 -12.09
CA GLY A 84 4.14 17.67 -13.43
C GLY A 84 3.48 16.82 -14.51
N VAL A 85 3.51 15.51 -14.33
CA VAL A 85 2.77 14.60 -15.25
C VAL A 85 1.29 14.92 -15.25
N MET A 86 0.72 15.06 -14.07
CA MET A 86 -0.69 15.38 -13.97
C MET A 86 -1.02 16.69 -14.69
N LEU A 87 -0.21 17.72 -14.50
CA LEU A 87 -0.39 18.98 -15.26
C LEU A 87 -0.30 18.84 -16.77
N SER A 88 0.58 17.95 -17.28
CA SER A 88 0.67 17.75 -18.72
C SER A 88 -0.64 17.23 -19.30
N HIS A 89 -1.51 16.62 -18.49
CA HIS A 89 -2.79 16.11 -19.03
C HIS A 89 -3.96 17.04 -18.80
N ALA A 90 -3.77 18.13 -18.07
CA ALA A 90 -4.88 19.01 -17.70
C ALA A 90 -5.27 19.92 -18.85
N HIS A 91 -6.50 20.41 -18.82
CA HIS A 91 -6.90 21.48 -19.70
C HIS A 91 -6.27 22.78 -19.20
N PRO A 92 -5.48 23.46 -20.05
CA PRO A 92 -4.95 24.77 -19.69
C PRO A 92 -5.99 25.89 -19.87
N LEU A 93 -5.78 27.05 -19.23
CA LEU A 93 -6.56 28.24 -19.56
C LEU A 93 -6.01 28.81 -20.88
N PRO A 94 -6.81 29.61 -21.60
CA PRO A 94 -6.27 30.12 -22.88
C PRO A 94 -5.02 31.00 -22.66
N ALA A 95 -4.12 31.03 -23.63
CA ALA A 95 -2.87 31.81 -23.53
C ALA A 95 -3.15 33.27 -23.16
N ASP A 96 -2.29 33.86 -22.34
CA ASP A 96 -2.42 35.28 -21.92
C ASP A 96 -3.75 35.64 -21.24
N THR A 97 -4.29 34.74 -20.42
CA THR A 97 -5.52 35.06 -19.69
C THR A 97 -5.34 35.03 -18.18
N VAL A 98 -4.22 34.48 -17.71
CA VAL A 98 -3.89 34.48 -16.30
C VAL A 98 -2.81 35.52 -16.05
N PRO A 99 -3.12 36.53 -15.23
CA PRO A 99 -2.07 37.51 -14.90
C PRO A 99 -0.82 36.86 -14.29
N ASP A 100 0.32 37.50 -14.50
CA ASP A 100 1.57 37.04 -13.92
C ASP A 100 1.55 36.92 -12.41
N ASP A 101 0.64 37.64 -11.77
CA ASP A 101 0.66 37.76 -10.33
C ASP A 101 -0.64 37.19 -9.70
N ALA A 102 -1.31 36.29 -10.40
CA ALA A 102 -2.46 35.59 -9.83
C ALA A 102 -2.04 34.70 -8.66
N VAL A 103 -2.98 34.54 -7.72
CA VAL A 103 -2.70 33.77 -6.49
C VAL A 103 -3.76 32.70 -6.27
N ASP A 104 -3.34 31.58 -5.66
CA ASP A 104 -4.24 30.54 -5.23
C ASP A 104 -4.32 30.55 -3.70
N VAL A 105 -5.44 30.09 -3.17
CA VAL A 105 -5.63 29.87 -1.75
C VAL A 105 -6.35 28.51 -1.65
N VAL A 106 -5.63 27.49 -1.20
CA VAL A 106 -6.13 26.12 -1.27
C VAL A 106 -5.26 25.22 -0.42
N GLY A 107 -5.88 24.16 0.10
CA GLY A 107 -5.16 23.18 0.89
C GLY A 107 -5.48 21.75 0.54
N THR A 108 -4.74 20.86 1.18
CA THR A 108 -4.93 19.43 0.99
C THR A 108 -6.29 18.96 1.51
N GLY A 109 -6.85 19.70 2.47
CA GLY A 109 -7.97 19.21 3.26
C GLY A 109 -7.44 18.06 4.09
N GLY A 110 -8.33 17.19 4.55
CA GLY A 110 -7.97 16.02 5.35
C GLY A 110 -7.49 16.35 6.75
N ASP A 111 -7.84 17.53 7.26
CA ASP A 111 -7.44 17.91 8.61
C ASP A 111 -8.39 17.35 9.68
N GLY A 112 -9.49 16.74 9.25
CA GLY A 112 -10.42 16.03 10.14
C GLY A 112 -11.27 16.89 11.05
N VAL A 113 -11.20 18.22 10.90
CA VAL A 113 -11.85 19.14 11.84
C VAL A 113 -13.19 19.67 11.34
N ASN A 114 -13.44 19.60 10.03
CA ASN A 114 -14.68 20.14 9.49
C ASN A 114 -14.91 21.59 9.95
N THR A 115 -13.95 22.45 9.61
CA THR A 115 -14.10 23.87 9.83
C THR A 115 -14.95 24.49 8.73
N VAL A 116 -15.31 25.76 8.91
CA VAL A 116 -15.88 26.56 7.86
C VAL A 116 -14.84 26.64 6.73
N ASN A 117 -15.26 27.11 5.58
CA ASN A 117 -14.41 27.12 4.40
C ASN A 117 -13.51 28.36 4.43
N LEU A 118 -12.44 28.27 5.24
CA LEU A 118 -11.51 29.39 5.43
C LEU A 118 -10.78 29.80 4.16
N SER A 119 -10.33 28.83 3.36
CA SER A 119 -9.61 29.16 2.15
C SER A 119 -10.49 29.88 1.15
N THR A 120 -11.72 29.38 1.02
CA THR A 120 -12.66 29.96 0.06
C THR A 120 -13.04 31.40 0.41
N MET A 121 -13.29 31.64 1.68
CA MET A 121 -13.61 32.98 2.16
C MET A 121 -12.40 33.91 2.01
N ALA A 122 -11.22 33.42 2.40
CA ALA A 122 -9.99 34.16 2.20
C ALA A 122 -9.81 34.52 0.73
N ALA A 123 -10.03 33.57 -0.19
CA ALA A 123 -9.90 33.85 -1.64
C ALA A 123 -10.78 35.03 -2.12
N ILE A 124 -12.04 35.04 -1.68
CA ILE A 124 -12.96 36.14 -1.97
C ILE A 124 -12.41 37.46 -1.42
N VAL A 125 -11.91 37.44 -0.19
CA VAL A 125 -11.39 38.65 0.45
C VAL A 125 -10.17 39.21 -0.30
N VAL A 126 -9.25 38.30 -0.64
CA VAL A 126 -8.04 38.64 -1.41
C VAL A 126 -8.38 39.25 -2.78
N ALA A 127 -9.30 38.63 -3.52
CA ALA A 127 -9.77 39.22 -4.78
C ALA A 127 -10.36 40.63 -4.56
N ALA A 128 -11.14 40.78 -3.49
CA ALA A 128 -11.77 42.07 -3.14
C ALA A 128 -10.75 43.14 -2.76
N ALA A 129 -9.55 42.70 -2.36
CA ALA A 129 -8.45 43.58 -2.05
C ALA A 129 -7.72 44.01 -3.34
N GLY A 130 -8.05 43.40 -4.47
CA GLY A 130 -7.50 43.83 -5.76
C GLY A 130 -6.42 42.87 -6.27
N VAL A 131 -6.26 41.71 -5.65
CA VAL A 131 -5.28 40.72 -6.09
C VAL A 131 -5.99 39.68 -6.96
N PRO A 132 -5.47 39.40 -8.16
CA PRO A 132 -6.18 38.42 -8.96
C PRO A 132 -6.11 37.03 -8.34
N VAL A 133 -7.24 36.34 -8.31
CA VAL A 133 -7.30 35.03 -7.68
C VAL A 133 -7.82 34.02 -8.66
N VAL A 134 -7.06 32.93 -8.83
CA VAL A 134 -7.53 31.80 -9.59
C VAL A 134 -7.48 30.60 -8.70
N LYS A 135 -8.66 30.24 -8.20
CA LYS A 135 -8.76 29.21 -7.22
C LYS A 135 -9.00 27.84 -7.84
N HIS A 136 -8.22 26.90 -7.36
CA HIS A 136 -8.40 25.50 -7.63
C HIS A 136 -9.13 25.04 -6.39
N GLY A 137 -9.94 24.01 -6.58
CA GLY A 137 -10.85 23.55 -5.56
C GLY A 137 -11.66 22.32 -6.01
N ASN A 138 -12.44 21.78 -5.09
CA ASN A 138 -13.15 20.54 -5.34
C ASN A 138 -14.18 20.38 -4.24
N ARG A 139 -15.14 19.50 -4.46
CA ARG A 139 -16.11 19.13 -3.42
C ARG A 139 -15.43 18.56 -2.15
N ALA A 140 -16.22 18.40 -1.11
CA ALA A 140 -15.74 17.81 0.14
C ALA A 140 -15.33 16.38 -0.15
N ALA A 141 -14.32 15.91 0.59
CA ALA A 141 -13.93 14.49 0.59
C ALA A 141 -14.39 13.83 1.90
N SER A 142 -13.93 14.37 3.03
CA SER A 142 -14.34 13.86 4.35
C SER A 142 -15.24 14.82 5.12
N SER A 143 -15.06 16.12 4.91
CA SER A 143 -15.88 17.15 5.56
C SER A 143 -17.32 17.14 5.00
N LEU A 144 -18.18 17.95 5.61
CA LEU A 144 -19.58 18.05 5.18
C LEU A 144 -19.78 18.99 3.99
N SER A 145 -18.91 19.98 3.84
CA SER A 145 -18.99 20.89 2.71
C SER A 145 -17.60 21.41 2.32
N GLY A 146 -17.16 21.04 1.11
CA GLY A 146 -15.87 21.49 0.59
C GLY A 146 -16.06 22.88 0.00
N GLY A 147 -14.97 23.49 -0.43
CA GLY A 147 -15.02 24.86 -0.94
C GLY A 147 -15.95 24.98 -2.13
N ALA A 148 -15.88 24.02 -3.04
CA ALA A 148 -16.74 23.98 -4.23
C ALA A 148 -18.22 23.82 -3.88
N ASP A 149 -18.50 23.02 -2.87
CA ASP A 149 -19.88 22.83 -2.41
C ASP A 149 -20.41 24.13 -1.86
N THR A 150 -19.59 24.82 -1.07
CA THR A 150 -20.02 26.08 -0.47
C THR A 150 -20.25 27.18 -1.50
N LEU A 151 -19.30 27.31 -2.43
CA LEU A 151 -19.46 28.23 -3.56
C LEU A 151 -20.72 27.95 -4.35
N GLU A 152 -20.99 26.70 -4.62
CA GLU A 152 -22.21 26.33 -5.30
C GLU A 152 -23.45 26.80 -4.50
N ALA A 153 -23.44 26.56 -3.20
CA ALA A 153 -24.55 26.94 -2.33
C ALA A 153 -24.75 28.47 -2.27
N LEU A 154 -23.65 29.20 -2.46
CA LEU A 154 -23.69 30.67 -2.58
C LEU A 154 -24.23 31.20 -3.91
N GLY A 155 -24.32 30.33 -4.92
CA GLY A 155 -24.83 30.70 -6.22
C GLY A 155 -23.72 30.97 -7.22
N VAL A 156 -22.47 30.70 -6.84
CA VAL A 156 -21.35 30.83 -7.79
C VAL A 156 -21.35 29.60 -8.66
N ARG A 157 -21.08 29.79 -9.94
CA ARG A 157 -20.99 28.69 -10.89
C ARG A 157 -19.62 28.06 -10.81
N ILE A 158 -19.57 26.80 -10.42
CA ILE A 158 -18.29 26.14 -10.23
C ILE A 158 -17.81 25.32 -11.44
N ASP A 159 -18.72 25.07 -12.39
CA ASP A 159 -18.53 24.18 -13.53
CA ASP A 159 -18.40 24.16 -13.50
C ASP A 159 -18.17 24.89 -14.82
N LEU A 160 -17.39 25.96 -14.77
CA LEU A 160 -17.04 26.68 -15.99
C LEU A 160 -15.79 26.09 -16.63
N GLY A 161 -15.75 26.07 -17.96
CA GLY A 161 -14.57 25.62 -18.71
C GLY A 161 -13.50 26.69 -18.80
N PRO A 162 -12.33 26.34 -19.37
CA PRO A 162 -11.21 27.27 -19.45
C PRO A 162 -11.57 28.70 -19.91
N ASP A 163 -12.31 28.81 -21.01
CA ASP A 163 -12.62 30.14 -21.57
C ASP A 163 -13.41 31.00 -20.60
N LEU A 164 -14.42 30.42 -19.98
CA LEU A 164 -15.25 31.21 -19.07
C LEU A 164 -14.56 31.47 -17.72
N VAL A 165 -13.68 30.57 -17.26
CA VAL A 165 -12.89 30.88 -16.07
C VAL A 165 -12.02 32.08 -16.37
N ALA A 166 -11.45 32.13 -17.57
CA ALA A 166 -10.58 33.24 -17.93
C ALA A 166 -11.39 34.55 -17.99
N ARG A 167 -12.60 34.46 -18.52
CA ARG A 167 -13.53 35.60 -18.48
C ARG A 167 -13.89 36.04 -17.06
N SER A 168 -14.19 35.09 -16.19
CA SER A 168 -14.48 35.37 -14.79
C SER A 168 -13.31 36.16 -14.18
N LEU A 169 -12.10 35.65 -14.40
CA LEU A 169 -10.91 36.28 -13.90
C LEU A 169 -10.74 37.74 -14.44
N ALA A 170 -10.93 37.96 -15.74
CA ALA A 170 -10.84 39.32 -16.30
C ALA A 170 -11.97 40.25 -15.82
N GLU A 171 -13.18 39.71 -15.70
CA GLU A 171 -14.36 40.52 -15.43
C GLU A 171 -14.73 40.67 -13.96
N VAL A 172 -14.39 39.67 -13.14
CA VAL A 172 -14.70 39.70 -11.72
C VAL A 172 -13.48 39.78 -10.81
N GLY A 173 -12.32 39.39 -11.33
CA GLY A 173 -11.08 39.38 -10.55
C GLY A 173 -10.81 38.06 -9.84
N ILE A 174 -11.69 37.09 -10.03
CA ILE A 174 -11.55 35.76 -9.44
C ILE A 174 -12.13 34.73 -10.37
N GLY A 175 -11.51 33.56 -10.40
CA GLY A 175 -12.02 32.43 -11.17
C GLY A 175 -11.83 31.18 -10.36
N PHE A 176 -12.67 30.19 -10.62
CA PHE A 176 -12.60 28.90 -9.96
C PHE A 176 -12.51 27.76 -10.96
N CYS A 177 -11.40 27.00 -10.89
CA CYS A 177 -11.19 25.81 -11.71
C CYS A 177 -11.59 24.59 -10.89
N PHE A 178 -12.62 23.92 -11.35
CA PHE A 178 -13.20 22.78 -10.67
C PHE A 178 -12.41 21.57 -11.17
N ALA A 179 -11.76 20.88 -10.25
CA ALA A 179 -10.77 19.85 -10.60
C ALA A 179 -11.28 18.80 -11.58
N PRO A 180 -12.48 18.23 -11.34
CA PRO A 180 -13.00 17.25 -12.29
C PRO A 180 -13.17 17.75 -13.71
N ARG A 181 -13.48 19.02 -13.87
CA ARG A 181 -13.64 19.61 -15.20
C ARG A 181 -12.25 19.82 -15.87
N PHE A 182 -11.24 20.20 -15.10
CA PHE A 182 -9.92 20.49 -15.68
C PHE A 182 -8.95 19.31 -15.74
N HIS A 183 -9.22 18.29 -14.94
CA HIS A 183 -8.40 17.11 -14.90
C HIS A 183 -9.17 15.83 -15.18
N PRO A 184 -9.80 15.71 -16.37
CA PRO A 184 -10.61 14.50 -16.62
C PRO A 184 -9.79 13.20 -16.56
N SER A 185 -8.53 13.22 -16.98
CA SER A 185 -7.71 12.01 -17.00
C SER A 185 -7.30 11.51 -15.61
N TYR A 186 -7.58 12.29 -14.58
CA TYR A 186 -7.27 11.90 -13.20
C TYR A 186 -8.37 10.98 -12.64
N ARG A 187 -9.43 10.75 -13.42
CA ARG A 187 -10.60 10.00 -12.94
C ARG A 187 -10.29 8.61 -12.39
N HIS A 188 -9.27 7.94 -12.91
CA HIS A 188 -8.95 6.58 -12.45
C HIS A 188 -8.35 6.64 -11.05
N ALA A 189 -7.41 7.57 -10.87
CA ALA A 189 -6.82 7.84 -9.55
C ALA A 189 -7.87 8.29 -8.55
N ALA A 190 -8.73 9.21 -8.96
CA ALA A 190 -9.74 9.76 -8.05
C ALA A 190 -10.61 8.66 -7.50
N ALA A 191 -11.04 7.76 -8.38
CA ALA A 191 -11.89 6.64 -7.96
C ALA A 191 -11.18 5.74 -6.96
N VAL A 192 -9.90 5.43 -7.20
CA VAL A 192 -9.12 4.62 -6.26
C VAL A 192 -9.02 5.37 -4.94
N ARG A 193 -8.75 6.66 -4.99
CA ARG A 193 -8.71 7.46 -3.76
C ARG A 193 -9.99 7.27 -2.93
N ARG A 194 -11.14 7.36 -3.59
CA ARG A 194 -12.42 7.17 -2.91
C ARG A 194 -12.54 5.75 -2.32
N GLU A 195 -12.22 4.75 -3.13
CA GLU A 195 -12.35 3.34 -2.71
C GLU A 195 -11.51 3.02 -1.47
N ILE A 196 -10.28 3.54 -1.41
CA ILE A 196 -9.41 3.18 -0.28
C ILE A 196 -9.59 4.09 0.93
N GLY A 197 -9.99 5.34 0.69
CA GLY A 197 -10.30 6.28 1.76
C GLY A 197 -9.09 6.88 2.46
N VAL A 198 -8.09 6.05 2.75
CA VAL A 198 -6.93 6.50 3.51
C VAL A 198 -6.20 7.64 2.76
N PRO A 199 -5.77 8.69 3.48
CA PRO A 199 -4.99 9.71 2.78
C PRO A 199 -3.67 9.14 2.26
N THR A 200 -3.27 9.59 1.06
CA THR A 200 -2.04 9.16 0.44
C THR A 200 -1.31 10.35 -0.14
N VAL A 201 -0.15 10.08 -0.72
CA VAL A 201 0.54 11.07 -1.53
C VAL A 201 -0.38 11.81 -2.54
N PHE A 202 -1.43 11.15 -3.05
CA PHE A 202 -2.31 11.77 -4.00
C PHE A 202 -3.03 12.99 -3.42
N ASN A 203 -3.25 13.00 -2.11
CA ASN A 203 -3.93 14.13 -1.46
C ASN A 203 -3.15 15.44 -1.51
N LEU A 204 -1.85 15.36 -1.81
CA LEU A 204 -1.00 16.52 -1.99
C LEU A 204 -1.18 17.18 -3.35
N LEU A 205 -1.76 16.46 -4.31
CA LEU A 205 -1.65 16.86 -5.70
C LEU A 205 -2.56 18.01 -6.12
N GLY A 206 -3.75 18.10 -5.49
CA GLY A 206 -4.72 19.20 -5.79
C GLY A 206 -4.09 20.58 -5.72
N PRO A 207 -3.53 20.94 -4.57
CA PRO A 207 -2.88 22.23 -4.44
C PRO A 207 -1.70 22.41 -5.41
N LEU A 208 -1.07 21.33 -5.85
CA LEU A 208 0.07 21.44 -6.79
C LEU A 208 -0.29 21.41 -8.27
N THR A 209 -1.58 21.25 -8.60
CA THR A 209 -1.96 21.08 -10.02
C THR A 209 -3.09 22.03 -10.45
N ASN A 210 -3.14 23.22 -9.85
CA ASN A 210 -4.00 24.25 -10.36
C ASN A 210 -3.69 24.42 -11.84
N PRO A 211 -4.70 24.19 -12.70
CA PRO A 211 -4.48 24.18 -14.14
C PRO A 211 -4.15 25.56 -14.72
N ALA A 212 -4.49 26.63 -14.01
CA ALA A 212 -4.12 27.99 -14.41
C ALA A 212 -2.66 28.35 -14.07
N ARG A 213 -2.01 27.49 -13.31
CA ARG A 213 -0.60 27.64 -12.90
C ARG A 213 -0.22 28.99 -12.30
N PRO A 214 -1.04 29.48 -11.34
CA PRO A 214 -0.65 30.75 -10.72
C PRO A 214 0.69 30.65 -10.00
N ARG A 215 1.47 31.72 -10.10
CA ARG A 215 2.83 31.74 -9.53
C ARG A 215 2.87 32.05 -8.04
N ALA A 216 1.75 32.42 -7.44
CA ALA A 216 1.75 32.67 -6.02
C ALA A 216 0.64 31.91 -5.32
N GLY A 217 0.82 31.68 -4.03
CA GLY A 217 -0.16 30.88 -3.33
C GLY A 217 -0.04 30.89 -1.83
N LEU A 218 -1.19 30.73 -1.17
CA LEU A 218 -1.21 30.33 0.24
C LEU A 218 -1.76 28.90 0.24
N ILE A 219 -0.92 27.95 0.59
CA ILE A 219 -1.21 26.55 0.37
C ILE A 219 -1.15 25.79 1.70
N GLY A 220 -2.29 25.24 2.10
CA GLY A 220 -2.41 24.56 3.36
C GLY A 220 -2.11 23.08 3.20
N CYS A 221 -1.41 22.53 4.20
CA CYS A 221 -1.10 21.11 4.28
C CYS A 221 -1.46 20.59 5.67
N ALA A 222 -2.36 19.63 5.70
CA ALA A 222 -2.81 19.03 6.96
C ALA A 222 -1.78 18.05 7.53
N PHE A 223 -0.82 17.63 6.70
CA PHE A 223 0.14 16.61 7.08
C PHE A 223 1.50 17.27 7.34
N ALA A 224 1.85 17.41 8.62
CA ALA A 224 3.04 18.19 9.05
C ALA A 224 4.32 17.77 8.31
N ASP A 225 4.46 16.46 8.17
CA ASP A 225 5.58 15.80 7.51
C ASP A 225 5.70 16.16 6.02
N LEU A 226 4.56 16.31 5.33
CA LEU A 226 4.52 16.50 3.90
C LEU A 226 4.54 17.95 3.47
N ALA A 227 4.29 18.88 4.40
CA ALA A 227 4.34 20.30 4.06
C ALA A 227 5.67 20.66 3.44
N GLU A 228 6.74 20.14 4.01
CA GLU A 228 8.05 20.49 3.52
C GLU A 228 8.23 20.01 2.09
N VAL A 229 7.71 18.82 1.81
CA VAL A 229 7.81 18.22 0.50
C VAL A 229 7.04 19.12 -0.50
N MET A 230 5.85 19.53 -0.14
CA MET A 230 5.09 20.46 -1.00
C MET A 230 5.84 21.75 -1.23
N ALA A 231 6.46 22.29 -0.18
CA ALA A 231 7.30 23.49 -0.37
C ALA A 231 8.42 23.24 -1.38
N GLY A 232 9.07 22.09 -1.27
CA GLY A 232 10.11 21.71 -2.22
C GLY A 232 9.66 21.74 -3.67
N VAL A 233 8.45 21.25 -3.91
CA VAL A 233 7.87 21.20 -5.23
C VAL A 233 7.69 22.63 -5.75
N PHE A 234 7.13 23.51 -4.92
CA PHE A 234 6.95 24.92 -5.30
C PHE A 234 8.27 25.65 -5.52
N ALA A 235 9.28 25.33 -4.72
CA ALA A 235 10.63 25.90 -4.88
C ALA A 235 11.21 25.64 -6.26
N ALA A 236 10.95 24.49 -6.84
CA ALA A 236 11.45 24.19 -8.17
C ALA A 236 10.64 24.85 -9.29
N ARG A 237 9.56 25.56 -8.96
CA ARG A 237 8.81 26.35 -9.92
C ARG A 237 9.12 27.83 -9.70
N ARG A 238 8.60 28.65 -10.60
CA ARG A 238 8.80 30.10 -10.49
C ARG A 238 7.70 30.65 -9.58
N SER A 239 7.83 30.46 -8.26
CA SER A 239 6.69 30.63 -7.34
C SER A 239 7.04 31.42 -6.10
N SER A 240 6.08 32.19 -5.60
CA SER A 240 6.12 32.75 -4.25
C SER A 240 4.95 32.16 -3.47
N VAL A 241 5.24 31.23 -2.56
CA VAL A 241 4.21 30.52 -1.86
C VAL A 241 4.52 30.50 -0.36
N LEU A 242 3.48 30.59 0.46
CA LEU A 242 3.55 30.18 1.84
C LEU A 242 2.84 28.83 1.98
N VAL A 243 3.60 27.78 2.26
CA VAL A 243 3.02 26.50 2.65
C VAL A 243 2.86 26.53 4.16
N VAL A 244 1.64 26.29 4.60
CA VAL A 244 1.25 26.52 5.97
C VAL A 244 0.63 25.29 6.60
N HIS A 245 0.96 25.07 7.88
CA HIS A 245 0.36 24.03 8.69
C HIS A 245 0.17 24.62 10.09
N GLY A 246 -1.08 24.67 10.55
CA GLY A 246 -1.34 25.10 11.93
C GLY A 246 -0.78 24.06 12.86
N ASP A 247 -0.23 24.49 13.98
CA ASP A 247 0.36 23.53 14.90
C ASP A 247 -0.75 22.79 15.66
N ASP A 248 -2.01 23.12 15.37
CA ASP A 248 -3.17 22.36 15.84
C ASP A 248 -3.71 21.38 14.81
N GLY A 249 -3.05 21.31 13.65
CA GLY A 249 -3.43 20.38 12.61
C GLY A 249 -4.19 20.96 11.43
N LEU A 250 -4.58 22.24 11.50
CA LEU A 250 -5.35 22.81 10.39
C LEU A 250 -4.48 22.93 9.15
N ASP A 251 -5.07 22.72 7.98
CA ASP A 251 -4.40 23.03 6.70
C ASP A 251 -4.67 24.50 6.28
N GLU A 252 -4.46 25.39 7.23
CA GLU A 252 -4.74 26.83 7.10
C GLU A 252 -3.88 27.47 8.15
N LEU A 253 -3.65 28.78 8.04
CA LEU A 253 -3.14 29.53 9.17
C LEU A 253 -4.18 29.54 10.29
N THR A 254 -3.77 29.09 11.47
CA THR A 254 -4.72 28.96 12.57
C THR A 254 -4.63 30.15 13.51
N THR A 255 -5.72 30.35 14.24
CA THR A 255 -5.79 31.34 15.32
C THR A 255 -5.72 30.70 16.74
N THR A 256 -5.81 29.38 16.85
CA THR A 256 -5.81 28.72 18.16
C THR A 256 -4.41 28.52 18.75
N THR A 257 -3.36 28.69 17.95
CA THR A 257 -1.97 28.47 18.37
C THR A 257 -1.05 28.97 17.25
N THR A 258 0.23 28.62 17.30
CA THR A 258 1.15 28.95 16.23
C THR A 258 0.91 28.11 14.99
N SER A 259 1.56 28.52 13.91
CA SER A 259 1.58 27.77 12.66
C SER A 259 3.03 27.67 12.21
N THR A 260 3.33 26.59 11.48
CA THR A 260 4.61 26.47 10.79
C THR A 260 4.42 26.94 9.36
N ILE A 261 5.31 27.81 8.88
CA ILE A 261 5.22 28.33 7.52
C ILE A 261 6.50 27.99 6.78
N TRP A 262 6.34 27.37 5.62
CA TRP A 262 7.45 27.16 4.73
C TRP A 262 7.29 28.22 3.66
N ARG A 263 8.10 29.27 3.80
CA ARG A 263 8.06 30.36 2.88
C ARG A 263 8.94 30.02 1.67
N VAL A 264 8.35 30.03 0.47
CA VAL A 264 9.02 29.66 -0.77
C VAL A 264 9.16 30.84 -1.72
N ALA A 265 10.39 31.10 -2.17
CA ALA A 265 10.68 32.17 -3.12
C ALA A 265 12.06 31.98 -3.69
N ALA A 266 12.21 32.39 -4.94
CA ALA A 266 13.51 32.44 -5.61
C ALA A 266 14.18 31.07 -5.65
N GLY A 267 13.39 30.00 -5.65
CA GLY A 267 13.95 28.66 -5.65
C GLY A 267 14.43 28.13 -4.29
N SER A 268 14.13 28.86 -3.21
CA SER A 268 14.46 28.36 -1.87
C SER A 268 13.33 28.48 -0.86
N VAL A 269 13.56 27.88 0.31
CA VAL A 269 12.56 27.71 1.36
C VAL A 269 13.09 28.32 2.67
N ASP A 270 12.26 29.07 3.38
CA ASP A 270 12.59 29.63 4.70
C ASP A 270 11.50 29.12 5.65
N LYS A 271 11.85 28.12 6.44
CA LYS A 271 10.91 27.53 7.41
C LYS A 271 10.89 28.39 8.66
N LEU A 272 9.71 28.68 9.19
CA LEU A 272 9.65 29.48 10.40
C LEU A 272 8.39 29.20 11.17
N THR A 273 8.42 29.60 12.44
CA THR A 273 7.29 29.51 13.34
C THR A 273 6.60 30.87 13.38
N PHE A 274 5.29 30.85 13.13
CA PHE A 274 4.47 32.06 12.97
C PHE A 274 3.48 32.09 14.12
N ASP A 275 3.33 33.27 14.72
CA ASP A 275 2.41 33.42 15.83
C ASP A 275 1.59 34.68 15.65
N PRO A 276 0.29 34.52 15.43
CA PRO A 276 -0.56 35.67 15.16
C PRO A 276 -0.83 36.58 16.35
N ALA A 277 -0.47 36.15 17.56
CA ALA A 277 -0.54 37.01 18.73
C ALA A 277 0.36 38.23 18.50
N GLY A 278 1.46 38.04 17.78
CA GLY A 278 2.32 39.16 17.36
C GLY A 278 1.59 40.24 16.55
N PHE A 279 0.45 39.91 15.98
CA PHE A 279 -0.36 40.94 15.31
C PHE A 279 -1.64 41.27 16.09
N GLY A 280 -1.69 40.82 17.33
CA GLY A 280 -2.79 41.18 18.22
C GLY A 280 -4.01 40.28 18.12
N PHE A 281 -3.91 39.13 17.46
CA PHE A 281 -5.02 38.18 17.42
C PHE A 281 -5.17 37.46 18.75
N ALA A 282 -6.39 37.42 19.27
CA ALA A 282 -6.70 36.60 20.43
C ALA A 282 -6.61 35.15 20.00
N ARG A 283 -6.15 34.30 20.91
CA ARG A 283 -6.20 32.85 20.76
C ARG A 283 -7.66 32.40 20.71
N ALA A 284 -8.04 31.60 19.72
CA ALA A 284 -9.41 31.08 19.62
C ALA A 284 -9.42 29.60 19.96
N GLN A 285 -10.61 29.02 20.10
CA GLN A 285 -10.73 27.57 20.21
C GLN A 285 -11.14 26.98 18.88
N LEU A 286 -10.68 25.76 18.62
CA LEU A 286 -10.97 25.06 17.37
C LEU A 286 -12.47 24.92 17.09
N ASP A 287 -13.25 24.62 18.12
CA ASP A 287 -14.71 24.51 17.98
C ASP A 287 -15.37 25.79 17.46
N GLN A 288 -14.74 26.96 17.67
CA GLN A 288 -15.31 28.21 17.22
C GLN A 288 -15.22 28.39 15.70
N LEU A 289 -14.41 27.55 15.05
CA LEU A 289 -14.25 27.54 13.58
C LEU A 289 -15.04 26.41 12.90
N ALA A 290 -15.81 25.65 13.68
CA ALA A 290 -16.50 24.48 13.16
C ALA A 290 -17.55 24.85 12.10
N GLY A 291 -17.60 24.05 11.05
CA GLY A 291 -18.58 24.26 9.99
C GLY A 291 -19.64 23.18 10.02
N GLY A 292 -20.59 23.28 9.10
CA GLY A 292 -21.67 22.30 8.97
C GLY A 292 -21.84 21.95 7.51
N ASP A 293 -23.09 21.86 7.07
CA ASP A 293 -23.38 21.53 5.67
C ASP A 293 -23.15 22.74 4.74
N ALA A 294 -23.36 22.54 3.45
CA ALA A 294 -23.13 23.62 2.47
C ALA A 294 -23.96 24.86 2.80
N GLN A 295 -25.21 24.67 3.19
CA GLN A 295 -26.08 25.80 3.53
C GLN A 295 -25.59 26.52 4.78
N ALA A 296 -25.08 25.75 5.74
CA ALA A 296 -24.51 26.35 6.96
C ALA A 296 -23.22 27.10 6.63
N ASN A 297 -22.32 26.45 5.91
CA ASN A 297 -21.08 27.12 5.53
C ASN A 297 -21.25 28.31 4.58
N ALA A 298 -22.22 28.26 3.68
CA ALA A 298 -22.62 29.43 2.93
C ALA A 298 -23.10 30.59 3.84
N ALA A 299 -23.93 30.29 4.85
CA ALA A 299 -24.34 31.32 5.82
C ALA A 299 -23.15 31.92 6.56
N ALA A 300 -22.18 31.10 6.94
CA ALA A 300 -20.96 31.63 7.56
C ALA A 300 -20.22 32.60 6.61
N VAL A 301 -20.22 32.31 5.31
CA VAL A 301 -19.56 33.21 4.37
C VAL A 301 -20.27 34.57 4.39
N ARG A 302 -21.60 34.56 4.25
CA ARG A 302 -22.40 35.79 4.20
C ARG A 302 -22.24 36.58 5.50
N ALA A 303 -22.22 35.91 6.64
CA ALA A 303 -22.03 36.60 7.89
C ALA A 303 -20.72 37.38 7.93
N VAL A 304 -19.61 36.69 7.61
CA VAL A 304 -18.25 37.28 7.62
C VAL A 304 -18.15 38.45 6.65
N LEU A 305 -18.60 38.25 5.42
CA LEU A 305 -18.50 39.29 4.42
C LEU A 305 -19.44 40.48 4.71
N GLY A 306 -20.47 40.24 5.52
CA GLY A 306 -21.37 41.30 6.01
C GLY A 306 -20.83 42.08 7.21
N GLY A 307 -19.66 41.71 7.70
CA GLY A 307 -19.00 42.45 8.78
C GLY A 307 -19.10 41.84 10.17
N ALA A 308 -19.64 40.63 10.31
CA ALA A 308 -19.76 40.03 11.64
C ALA A 308 -18.38 39.79 12.26
N ARG A 309 -18.19 40.20 13.50
CA ARG A 309 -16.90 40.07 14.17
C ARG A 309 -16.84 38.75 14.92
N GLY A 310 -15.63 38.24 15.09
CA GLY A 310 -15.42 37.05 15.88
C GLY A 310 -14.30 36.17 15.37
N PRO A 311 -14.19 34.96 15.92
CA PRO A 311 -13.10 34.04 15.59
C PRO A 311 -12.99 33.72 14.10
N VAL A 312 -14.13 33.52 13.43
CA VAL A 312 -14.14 33.12 12.01
C VAL A 312 -13.58 34.26 11.15
N ARG A 313 -14.08 35.46 11.35
CA ARG A 313 -13.54 36.63 10.64
C ARG A 313 -12.03 36.69 10.83
N ASP A 314 -11.59 36.60 12.08
CA ASP A 314 -10.16 36.66 12.41
C ASP A 314 -9.36 35.66 11.59
N ALA A 315 -9.88 34.44 11.46
CA ALA A 315 -9.12 33.41 10.73
C ALA A 315 -9.12 33.70 9.22
N VAL A 316 -10.23 34.22 8.73
CA VAL A 316 -10.34 34.61 7.32
C VAL A 316 -9.36 35.73 6.99
N VAL A 317 -9.35 36.77 7.82
CA VAL A 317 -8.43 37.89 7.68
C VAL A 317 -6.99 37.42 7.71
N LEU A 318 -6.67 36.54 8.66
CA LEU A 318 -5.33 36.05 8.81
C LEU A 318 -4.89 35.31 7.54
N ASN A 319 -5.74 34.44 7.01
CA ASN A 319 -5.40 33.68 5.81
C ASN A 319 -5.39 34.54 4.54
N ALA A 320 -6.30 35.50 4.45
CA ALA A 320 -6.30 36.46 3.35
C ALA A 320 -4.98 37.25 3.31
N ALA A 321 -4.54 37.70 4.47
CA ALA A 321 -3.29 38.43 4.55
C ALA A 321 -2.12 37.54 4.12
N GLY A 322 -2.13 36.29 4.57
CA GLY A 322 -1.09 35.33 4.18
C GLY A 322 -0.98 35.24 2.66
N ALA A 323 -2.13 35.15 2.00
CA ALA A 323 -2.15 35.12 0.54
C ALA A 323 -1.61 36.41 -0.10
N ILE A 324 -1.99 37.54 0.47
CA ILE A 324 -1.51 38.83 -0.01
C ILE A 324 0.01 38.91 0.20
N VAL A 325 0.52 38.31 1.25
CA VAL A 325 1.99 38.30 1.45
C VAL A 325 2.71 37.47 0.39
N ALA A 326 2.11 36.35 0.01
CA ALA A 326 2.68 35.49 -1.00
C ALA A 326 2.70 36.24 -2.34
N HIS A 327 1.59 36.89 -2.66
CA HIS A 327 1.47 37.71 -3.86
C HIS A 327 2.58 38.80 -3.90
N ALA A 328 2.82 39.45 -2.77
CA ALA A 328 3.85 40.49 -2.69
C ALA A 328 5.28 39.95 -2.91
N GLY A 329 5.49 38.71 -2.49
CA GLY A 329 6.74 38.03 -2.73
C GLY A 329 7.06 37.85 -4.21
N LEU A 330 6.13 38.15 -5.11
CA LEU A 330 6.41 38.00 -6.54
C LEU A 330 7.25 39.16 -7.04
N SER A 331 6.61 40.33 -7.09
CA SER A 331 7.18 41.56 -7.60
C SER A 331 6.92 42.63 -6.55
N SER A 332 7.69 42.56 -5.48
CA SER A 332 7.68 43.56 -4.42
C SER A 332 8.88 43.24 -3.55
N ARG A 333 9.64 44.27 -3.20
CA ARG A 333 10.82 44.07 -2.35
C ARG A 333 10.43 44.20 -0.86
N ALA A 334 9.13 44.17 -0.56
CA ALA A 334 8.64 44.33 0.82
C ALA A 334 9.14 43.20 1.68
N GLU A 335 9.56 43.57 2.88
CA GLU A 335 10.01 42.58 3.83
C GLU A 335 8.84 41.96 4.58
N TRP A 336 9.13 40.82 5.21
CA TRP A 336 8.15 39.95 5.84
C TRP A 336 7.18 40.69 6.74
N LEU A 337 7.69 41.40 7.74
CA LEU A 337 6.80 42.02 8.73
C LEU A 337 5.93 43.13 8.15
N PRO A 338 6.55 44.08 7.45
CA PRO A 338 5.76 45.11 6.80
C PRO A 338 4.71 44.51 5.82
N ALA A 339 5.08 43.44 5.11
CA ALA A 339 4.15 42.77 4.16
C ALA A 339 2.91 42.24 4.87
N TRP A 340 3.10 41.63 6.04
CA TRP A 340 2.02 41.11 6.86
C TRP A 340 1.12 42.22 7.37
N GLU A 341 1.74 43.31 7.82
CA GLU A 341 0.98 44.42 8.35
C GLU A 341 0.07 44.99 7.25
N GLU A 342 0.61 45.15 6.04
CA GLU A 342 -0.12 45.63 4.87
CA GLU A 342 -0.16 45.66 4.91
C GLU A 342 -1.19 44.64 4.44
N GLY A 343 -0.83 43.36 4.42
CA GLY A 343 -1.77 42.29 4.07
C GLY A 343 -2.99 42.26 5.00
N LEU A 344 -2.74 42.38 6.30
CA LEU A 344 -3.81 42.43 7.32
C LEU A 344 -4.70 43.69 7.19
N ARG A 345 -4.08 44.84 6.94
CA ARG A 345 -4.85 46.08 6.68
CA ARG A 345 -4.78 46.11 6.64
C ARG A 345 -5.73 45.91 5.43
N ARG A 346 -5.16 45.36 4.36
CA ARG A 346 -5.92 45.18 3.11
C ARG A 346 -7.07 44.18 3.23
N ALA A 347 -6.80 43.08 3.92
CA ALA A 347 -7.78 42.05 4.10
C ALA A 347 -8.94 42.59 4.93
N SER A 348 -8.63 43.26 6.04
CA SER A 348 -9.66 43.82 6.91
C SER A 348 -10.49 44.86 6.15
N ALA A 349 -9.80 45.74 5.43
CA ALA A 349 -10.47 46.78 4.66
C ALA A 349 -11.37 46.21 3.58
N ALA A 350 -10.94 45.15 2.90
CA ALA A 350 -11.79 44.51 1.91
C ALA A 350 -13.13 44.05 2.48
N ILE A 351 -13.12 43.61 3.73
CA ILE A 351 -14.38 43.24 4.39
C ILE A 351 -15.17 44.48 4.83
N ASP A 352 -14.52 45.36 5.58
CA ASP A 352 -15.21 46.47 6.22
C ASP A 352 -15.80 47.49 5.27
N THR A 353 -15.21 47.65 4.08
CA THR A 353 -15.71 48.61 3.10
C THR A 353 -16.78 47.98 2.21
N GLY A 354 -17.08 46.70 2.44
CA GLY A 354 -18.09 46.01 1.67
C GLY A 354 -17.56 45.44 0.36
N ALA A 355 -16.28 45.61 0.09
CA ALA A 355 -15.72 45.18 -1.20
C ALA A 355 -15.89 43.69 -1.41
N ALA A 356 -15.65 42.90 -0.37
CA ALA A 356 -15.69 41.45 -0.49
C ALA A 356 -17.12 40.98 -0.74
N GLU A 357 -18.06 41.51 0.04
CA GLU A 357 -19.49 41.25 -0.16
C GLU A 357 -19.90 41.66 -1.57
N GLN A 358 -19.47 42.85 -2.00
CA GLN A 358 -19.78 43.32 -3.34
C GLN A 358 -19.20 42.40 -4.43
N LEU A 359 -17.99 41.90 -4.23
CA LEU A 359 -17.32 41.08 -5.23
C LEU A 359 -18.03 39.74 -5.39
N LEU A 360 -18.41 39.13 -4.27
CA LEU A 360 -19.20 37.93 -4.31
C LEU A 360 -20.50 38.11 -5.08
N ALA A 361 -21.23 39.19 -4.80
CA ALA A 361 -22.48 39.49 -5.53
C ALA A 361 -22.18 39.59 -7.02
N ARG A 362 -21.09 40.26 -7.37
CA ARG A 362 -20.66 40.39 -8.74
C ARG A 362 -20.31 39.03 -9.36
N TRP A 363 -19.68 38.17 -8.58
CA TRP A 363 -19.32 36.85 -9.07
C TRP A 363 -20.56 36.01 -9.36
N VAL A 364 -21.53 36.05 -8.45
CA VAL A 364 -22.82 35.41 -8.70
C VAL A 364 -23.50 35.98 -9.95
N ARG A 365 -23.52 37.31 -10.09
CA ARG A 365 -24.15 37.94 -11.27
C ARG A 365 -23.49 37.45 -12.56
N PHE A 366 -22.16 37.46 -12.56
CA PHE A 366 -21.39 36.98 -13.70
C PHE A 366 -21.90 35.59 -14.13
N GLY A 367 -22.01 34.68 -13.18
CA GLY A 367 -22.46 33.34 -13.44
C GLY A 367 -23.89 33.24 -13.98
N ARG A 368 -24.76 34.15 -13.55
CA ARG A 368 -26.17 34.14 -13.98
C ARG A 368 -26.38 34.69 -15.39
N GLN A 369 -25.46 35.53 -15.85
CA GLN A 369 -25.50 36.04 -17.23
C GLN A 369 -24.74 35.13 -18.20
N ILE A 370 -25.03 33.83 -18.13
CA ILE A 370 -24.51 32.86 -19.09
C ILE A 370 -25.60 31.85 -19.44
N VAL B 24 -16.18 -0.15 14.80
CA VAL B 24 -16.63 0.50 13.54
C VAL B 24 -15.69 0.17 12.35
N PRO B 25 -15.62 -1.11 11.96
CA PRO B 25 -14.56 -1.56 11.03
C PRO B 25 -14.77 -1.12 9.58
N SER B 26 -13.73 -0.54 8.97
CA SER B 26 -13.81 -0.05 7.61
C SER B 26 -12.42 0.07 7.02
N TRP B 27 -12.33 0.14 5.70
CA TRP B 27 -11.04 0.29 5.03
C TRP B 27 -10.30 1.56 5.48
N PRO B 28 -11.01 2.72 5.53
CA PRO B 28 -10.28 3.90 5.95
C PRO B 28 -9.65 3.75 7.33
N GLN B 29 -10.38 3.14 8.26
CA GLN B 29 -9.85 2.96 9.59
C GLN B 29 -8.63 2.03 9.61
N ILE B 30 -8.78 0.88 8.97
CA ILE B 30 -7.75 -0.16 8.97
C ILE B 30 -6.54 0.26 8.13
N LEU B 31 -6.77 0.81 6.94
CA LEU B 31 -5.63 1.29 6.14
C LEU B 31 -4.93 2.48 6.78
N GLY B 32 -5.71 3.35 7.42
CA GLY B 32 -5.12 4.53 8.11
C GLY B 32 -4.23 4.09 9.24
N ARG B 33 -4.68 3.07 9.97
CA ARG B 33 -3.90 2.53 11.06
C ARG B 33 -2.56 1.94 10.58
N LEU B 34 -2.59 1.18 9.51
CA LEU B 34 -1.38 0.61 8.94
C LEU B 34 -0.44 1.68 8.39
N THR B 35 -0.97 2.65 7.66
CA THR B 35 -0.12 3.74 7.14
C THR B 35 0.50 4.58 8.25
N ASP B 36 -0.14 4.62 9.42
CA ASP B 36 0.45 5.22 10.61
C ASP B 36 1.48 4.30 11.27
N ASN B 37 1.76 3.16 10.66
CA ASN B 37 2.74 2.21 11.17
C ASN B 37 2.33 1.60 12.51
N ARG B 38 1.04 1.40 12.71
CA ARG B 38 0.53 0.78 13.91
C ARG B 38 0.00 -0.62 13.60
N ASP B 39 0.18 -1.50 14.56
CA ASP B 39 -0.45 -2.80 14.58
C ASP B 39 -1.93 -2.61 14.63
N LEU B 40 -2.63 -3.52 13.97
CA LEU B 40 -4.07 -3.50 13.95
C LEU B 40 -4.60 -3.90 15.31
N ALA B 41 -5.85 -3.52 15.59
CA ALA B 41 -6.60 -4.04 16.73
C ALA B 41 -7.05 -5.44 16.36
N ARG B 42 -7.22 -6.28 17.37
CA ARG B 42 -7.73 -7.63 17.18
C ARG B 42 -8.98 -7.57 16.35
N GLY B 43 -9.10 -8.51 15.42
CA GLY B 43 -10.32 -8.62 14.63
C GLY B 43 -10.28 -7.83 13.31
N GLN B 44 -9.39 -6.85 13.21
CA GLN B 44 -9.36 -6.02 12.01
C GLN B 44 -8.84 -6.76 10.79
N ALA B 45 -7.72 -7.46 10.93
CA ALA B 45 -7.21 -8.27 9.81
C ALA B 45 -8.25 -9.33 9.44
N ALA B 46 -8.95 -9.89 10.42
CA ALA B 46 -10.02 -10.87 10.12
C ALA B 46 -11.15 -10.25 9.30
N TRP B 47 -11.58 -9.04 9.66
CA TRP B 47 -12.59 -8.32 8.88
C TRP B 47 -12.10 -8.10 7.44
N ALA B 48 -10.87 -7.62 7.28
CA ALA B 48 -10.34 -7.39 5.92
C ALA B 48 -10.36 -8.68 5.11
N MET B 49 -9.94 -9.77 5.73
CA MET B 49 -9.89 -11.03 5.01
C MET B 49 -11.29 -11.54 4.70
N ASP B 50 -12.29 -11.35 5.59
CA ASP B 50 -13.60 -11.83 5.18
CA ASP B 50 -13.70 -11.69 5.31
C ASP B 50 -14.12 -10.98 4.03
N GLN B 51 -13.84 -9.66 4.00
CA GLN B 51 -14.23 -8.83 2.86
C GLN B 51 -13.59 -9.39 1.57
N ILE B 52 -12.33 -9.75 1.66
CA ILE B 52 -11.57 -10.23 0.52
C ILE B 52 -12.10 -11.56 0.00
N MET B 53 -12.43 -12.46 0.93
CA MET B 53 -12.81 -13.83 0.56
C MET B 53 -14.26 -13.90 0.09
N THR B 54 -15.09 -12.90 0.45
CA THR B 54 -16.47 -12.86 0.00
C THR B 54 -16.69 -12.14 -1.34
N GLY B 55 -15.64 -11.63 -1.95
CA GLY B 55 -15.78 -10.80 -3.14
C GLY B 55 -16.27 -9.38 -2.86
N ASN B 56 -16.28 -8.95 -1.60
CA ASN B 56 -16.73 -7.58 -1.28
C ASN B 56 -15.63 -6.52 -1.24
N ALA B 57 -14.37 -6.93 -1.36
CA ALA B 57 -13.26 -6.00 -1.40
C ALA B 57 -12.97 -5.66 -2.87
N ARG B 58 -12.92 -4.37 -3.18
CA ARG B 58 -12.52 -3.92 -4.52
C ARG B 58 -11.03 -4.22 -4.69
N PRO B 59 -10.59 -4.48 -5.93
CA PRO B 59 -9.17 -4.72 -6.17
C PRO B 59 -8.27 -3.64 -5.51
N ALA B 60 -8.65 -2.38 -5.58
CA ALA B 60 -7.86 -1.30 -4.95
C ALA B 60 -7.72 -1.46 -3.43
N GLN B 61 -8.81 -1.89 -2.80
CA GLN B 61 -8.82 -2.14 -1.37
C GLN B 61 -7.95 -3.34 -1.03
N ILE B 62 -8.05 -4.40 -1.83
CA ILE B 62 -7.20 -5.57 -1.62
C ILE B 62 -5.73 -5.16 -1.71
N ALA B 63 -5.38 -4.43 -2.76
CA ALA B 63 -4.01 -4.05 -3.00
C ALA B 63 -3.48 -3.12 -1.91
N ALA B 64 -4.27 -2.12 -1.54
CA ALA B 64 -3.89 -1.20 -0.49
C ALA B 64 -3.59 -1.92 0.81
N PHE B 65 -4.44 -2.88 1.14
CA PHE B 65 -4.29 -3.66 2.34
C PHE B 65 -3.04 -4.52 2.30
N ALA B 66 -2.83 -5.23 1.19
CA ALA B 66 -1.65 -6.09 1.08
C ALA B 66 -0.36 -5.31 1.23
N VAL B 67 -0.27 -4.18 0.52
CA VAL B 67 0.93 -3.36 0.57
C VAL B 67 1.12 -2.77 1.98
N ALA B 68 0.07 -2.20 2.53
CA ALA B 68 0.19 -1.48 3.81
C ALA B 68 0.58 -2.46 4.96
N MET B 69 -0.02 -3.62 4.96
CA MET B 69 0.34 -4.67 5.94
C MET B 69 1.82 -5.02 5.81
N THR B 70 2.29 -5.16 4.58
CA THR B 70 3.67 -5.49 4.31
C THR B 70 4.68 -4.44 4.82
N MET B 71 4.46 -3.19 4.47
CA MET B 71 5.38 -2.13 4.86
C MET B 71 5.32 -1.82 6.33
N LYS B 72 4.18 -2.04 6.97
CA LYS B 72 4.08 -1.88 8.42
C LYS B 72 4.88 -3.00 9.13
N ALA B 73 4.78 -4.22 8.62
CA ALA B 73 5.46 -5.40 9.16
C ALA B 73 4.39 -6.15 9.93
N PRO B 74 3.87 -7.21 9.34
CA PRO B 74 2.74 -7.89 9.94
C PRO B 74 3.14 -8.62 11.23
N THR B 75 2.19 -8.81 12.14
CA THR B 75 2.42 -9.60 13.33
C THR B 75 1.84 -11.01 13.15
N ALA B 76 2.32 -11.94 13.98
CA ALA B 76 1.78 -13.28 14.01
C ALA B 76 0.28 -13.29 14.25
N ASP B 77 -0.20 -12.45 15.16
CA ASP B 77 -1.64 -12.38 15.39
C ASP B 77 -2.40 -11.97 14.12
N GLU B 78 -1.88 -10.97 13.40
CA GLU B 78 -2.59 -10.47 12.24
C GLU B 78 -2.61 -11.55 11.15
N VAL B 79 -1.48 -12.20 10.93
CA VAL B 79 -1.38 -13.20 9.87
C VAL B 79 -2.21 -14.44 10.23
N GLY B 80 -2.28 -14.74 11.52
CA GLY B 80 -3.14 -15.81 12.00
C GLY B 80 -4.60 -15.53 11.76
N GLU B 81 -4.98 -14.26 11.81
CA GLU B 81 -6.36 -13.89 11.48
C GLU B 81 -6.61 -14.05 9.99
N LEU B 82 -5.68 -13.57 9.18
CA LEU B 82 -5.77 -13.77 7.74
C LEU B 82 -5.90 -15.26 7.41
N ALA B 83 -5.02 -16.09 7.96
CA ALA B 83 -4.98 -17.49 7.56
C ALA B 83 -6.19 -18.25 8.06
N GLY B 84 -6.65 -17.94 9.28
CA GLY B 84 -7.83 -18.60 9.83
C GLY B 84 -9.10 -18.30 9.07
N VAL B 85 -9.25 -17.05 8.65
CA VAL B 85 -10.40 -16.71 7.83
C VAL B 85 -10.31 -17.43 6.48
N MET B 86 -9.13 -17.42 5.89
CA MET B 86 -8.98 -18.06 4.59
C MET B 86 -9.31 -19.55 4.69
N LEU B 87 -8.78 -20.20 5.72
CA LEU B 87 -9.05 -21.62 5.96
C LEU B 87 -10.53 -21.90 6.15
N SER B 88 -11.27 -20.99 6.81
CA SER B 88 -12.70 -21.18 7.00
C SER B 88 -13.46 -21.22 5.66
N HIS B 89 -12.88 -20.64 4.60
CA HIS B 89 -13.52 -20.68 3.29
C HIS B 89 -13.03 -21.82 2.40
N ALA B 90 -11.99 -22.54 2.83
CA ALA B 90 -11.39 -23.59 2.00
C ALA B 90 -12.23 -24.86 2.05
N HIS B 91 -12.19 -25.65 0.99
CA HIS B 91 -12.79 -27.00 1.03
C HIS B 91 -11.94 -27.87 1.94
N PRO B 92 -12.55 -28.50 2.95
CA PRO B 92 -11.79 -29.45 3.75
C PRO B 92 -11.67 -30.84 3.11
N LEU B 93 -10.74 -31.65 3.59
CA LEU B 93 -10.74 -33.08 3.28
C LEU B 93 -11.85 -33.74 4.09
N PRO B 94 -12.35 -34.89 3.65
CA PRO B 94 -13.44 -35.57 4.39
C PRO B 94 -12.98 -35.95 5.79
N ALA B 95 -13.93 -36.05 6.73
CA ALA B 95 -13.59 -36.36 8.13
C ALA B 95 -12.78 -37.64 8.25
N ASP B 96 -11.78 -37.65 9.14
CA ASP B 96 -10.95 -38.83 9.44
C ASP B 96 -10.07 -39.40 8.33
N THR B 97 -9.71 -38.57 7.35
CA THR B 97 -8.91 -39.05 6.23
C THR B 97 -7.48 -38.56 6.23
N VAL B 98 -7.15 -37.63 7.11
CA VAL B 98 -5.79 -37.11 7.20
C VAL B 98 -5.23 -37.67 8.47
N PRO B 99 -4.12 -38.44 8.39
CA PRO B 99 -3.50 -38.96 9.62
C PRO B 99 -3.12 -37.83 10.56
N ASP B 100 -3.20 -38.07 11.86
CA ASP B 100 -2.88 -37.05 12.86
C ASP B 100 -1.42 -36.58 12.77
N ASP B 101 -0.58 -37.38 12.13
CA ASP B 101 0.83 -37.09 12.04
C ASP B 101 1.26 -36.77 10.60
N ALA B 102 0.37 -36.22 9.78
CA ALA B 102 0.74 -35.83 8.41
C ALA B 102 1.66 -34.59 8.43
N VAL B 103 2.59 -34.52 7.48
CA VAL B 103 3.47 -33.37 7.37
C VAL B 103 3.34 -32.70 6.02
N ASP B 104 3.71 -31.42 5.99
CA ASP B 104 3.75 -30.65 4.76
C ASP B 104 5.23 -30.33 4.52
N VAL B 105 5.59 -30.17 3.26
CA VAL B 105 6.89 -29.67 2.88
C VAL B 105 6.66 -28.64 1.76
N VAL B 106 6.85 -27.37 2.09
CA VAL B 106 6.41 -26.31 1.17
C VAL B 106 7.06 -25.03 1.57
N GLY B 107 7.24 -24.11 0.62
CA GLY B 107 7.74 -22.78 0.93
C GLY B 107 6.94 -21.67 0.29
N THR B 108 7.27 -20.45 0.68
CA THR B 108 6.63 -19.28 0.11
C THR B 108 6.93 -19.14 -1.37
N GLY B 109 8.06 -19.70 -1.81
CA GLY B 109 8.59 -19.40 -3.14
C GLY B 109 9.12 -17.98 -3.12
N GLY B 110 9.39 -17.43 -4.29
CA GLY B 110 9.82 -16.03 -4.41
C GLY B 110 11.26 -15.77 -4.04
N ASP B 111 12.08 -16.84 -3.96
CA ASP B 111 13.51 -16.67 -3.70
C ASP B 111 14.25 -16.16 -4.96
N GLY B 112 13.59 -16.23 -6.13
CA GLY B 112 14.14 -15.70 -7.38
C GLY B 112 15.38 -16.43 -7.89
N VAL B 113 15.61 -17.64 -7.39
CA VAL B 113 16.82 -18.40 -7.72
C VAL B 113 16.51 -19.51 -8.73
N ASN B 114 15.24 -19.81 -8.96
CA ASN B 114 14.85 -20.85 -9.91
C ASN B 114 15.70 -22.14 -9.77
N THR B 115 15.48 -22.84 -8.68
CA THR B 115 16.15 -24.11 -8.43
C THR B 115 15.25 -25.27 -8.86
N VAL B 116 15.84 -26.45 -8.93
CA VAL B 116 15.09 -27.69 -9.03
C VAL B 116 14.07 -27.69 -7.89
N ASN B 117 13.05 -28.54 -8.02
CA ASN B 117 11.94 -28.54 -7.06
C ASN B 117 12.31 -29.32 -5.82
N LEU B 118 13.06 -28.65 -4.95
CA LEU B 118 13.57 -29.28 -3.74
C LEU B 118 12.47 -29.73 -2.79
N SER B 119 11.43 -28.93 -2.58
CA SER B 119 10.36 -29.29 -1.66
C SER B 119 9.59 -30.50 -2.17
N THR B 120 9.36 -30.55 -3.47
CA THR B 120 8.63 -31.64 -4.09
C THR B 120 9.39 -32.98 -4.03
N MET B 121 10.69 -32.96 -4.37
CA MET B 121 11.53 -34.13 -4.19
C MET B 121 11.62 -34.59 -2.73
N ALA B 122 11.79 -33.67 -1.79
CA ALA B 122 11.88 -34.01 -0.40
C ALA B 122 10.57 -34.64 0.08
N ALA B 123 9.44 -34.09 -0.35
CA ALA B 123 8.11 -34.66 -0.02
C ALA B 123 7.93 -36.13 -0.42
N ILE B 124 8.38 -36.47 -1.61
CA ILE B 124 8.32 -37.85 -2.10
C ILE B 124 9.21 -38.75 -1.24
N VAL B 125 10.39 -38.26 -0.89
CA VAL B 125 11.30 -39.02 -0.06
C VAL B 125 10.74 -39.24 1.35
N VAL B 126 10.22 -38.17 1.93
CA VAL B 126 9.60 -38.22 3.24
C VAL B 126 8.45 -39.24 3.28
N ALA B 127 7.55 -39.18 2.29
CA ALA B 127 6.43 -40.09 2.25
C ALA B 127 6.95 -41.51 2.13
N ALA B 128 8.05 -41.69 1.37
CA ALA B 128 8.61 -43.03 1.15
C ALA B 128 9.31 -43.54 2.40
N ALA B 129 9.78 -42.62 3.25
CA ALA B 129 10.24 -42.97 4.59
C ALA B 129 9.12 -43.37 5.58
N GLY B 130 7.87 -43.30 5.16
CA GLY B 130 6.76 -43.75 5.98
C GLY B 130 6.05 -42.63 6.72
N VAL B 131 6.37 -41.39 6.40
CA VAL B 131 5.66 -40.27 6.98
C VAL B 131 4.59 -39.81 5.99
N PRO B 132 3.31 -39.75 6.41
CA PRO B 132 2.28 -39.24 5.52
C PRO B 132 2.53 -37.79 5.17
N VAL B 133 2.44 -37.47 3.89
CA VAL B 133 2.67 -36.13 3.40
C VAL B 133 1.42 -35.67 2.70
N VAL B 134 0.90 -34.53 3.12
CA VAL B 134 -0.15 -33.92 2.35
C VAL B 134 0.35 -32.55 1.91
N LYS B 135 0.64 -32.45 0.62
CA LYS B 135 1.27 -31.29 0.12
C LYS B 135 0.27 -30.28 -0.39
N HIS B 136 0.51 -29.05 0.02
CA HIS B 136 -0.17 -27.91 -0.49
C HIS B 136 0.90 -27.37 -1.40
N GLY B 137 0.44 -26.81 -2.50
CA GLY B 137 1.33 -26.37 -3.52
C GLY B 137 0.53 -25.74 -4.62
N ASN B 138 1.24 -25.37 -5.67
CA ASN B 138 0.70 -24.57 -6.74
C ASN B 138 1.74 -24.54 -7.83
N ARG B 139 1.35 -24.01 -8.97
CA ARG B 139 2.30 -23.68 -10.04
C ARG B 139 3.32 -22.58 -9.66
N ALA B 140 4.22 -22.29 -10.59
CA ALA B 140 5.24 -21.26 -10.37
C ALA B 140 4.58 -19.89 -10.54
N ALA B 141 5.14 -18.89 -9.87
CA ALA B 141 4.69 -17.51 -10.02
C ALA B 141 5.79 -16.63 -10.62
N LEU B 144 10.09 -20.66 -13.07
CA LEU B 144 10.01 -21.37 -14.35
C LEU B 144 9.06 -22.56 -14.28
N SER B 145 9.34 -23.46 -13.34
CA SER B 145 8.51 -24.65 -13.13
C SER B 145 8.34 -24.90 -11.64
N GLY B 146 7.11 -24.72 -11.16
CA GLY B 146 6.80 -24.95 -9.75
C GLY B 146 6.54 -26.41 -9.44
N GLY B 147 6.35 -26.69 -8.16
CA GLY B 147 6.14 -28.06 -7.69
C GLY B 147 5.07 -28.72 -8.53
N ALA B 148 3.92 -28.03 -8.64
CA ALA B 148 2.75 -28.54 -9.34
C ALA B 148 3.04 -28.86 -10.80
N ASP B 149 3.79 -27.98 -11.45
CA ASP B 149 4.10 -28.14 -12.87
C ASP B 149 5.00 -29.37 -13.08
N THR B 150 5.97 -29.55 -12.19
CA THR B 150 6.90 -30.65 -12.33
C THR B 150 6.18 -31.97 -12.06
N LEU B 151 5.25 -31.96 -11.11
CA LEU B 151 4.50 -33.15 -10.78
C LEU B 151 3.67 -33.57 -12.01
N GLU B 152 3.04 -32.60 -12.64
CA GLU B 152 2.26 -32.86 -13.85
C GLU B 152 3.11 -33.48 -14.96
N ALA B 153 4.32 -32.96 -15.15
CA ALA B 153 5.24 -33.52 -16.14
C ALA B 153 5.70 -34.93 -15.80
N LEU B 154 5.69 -35.30 -14.51
CA LEU B 154 6.02 -36.65 -14.09
C LEU B 154 4.85 -37.62 -14.27
N GLY B 155 3.69 -37.11 -14.64
CA GLY B 155 2.50 -37.98 -14.82
C GLY B 155 1.51 -37.97 -13.65
N VAL B 156 1.83 -37.22 -12.59
CA VAL B 156 1.00 -37.14 -11.39
C VAL B 156 -0.20 -36.20 -11.64
N ARG B 157 -1.39 -36.60 -11.19
CA ARG B 157 -2.59 -35.80 -11.33
C ARG B 157 -2.72 -34.84 -10.15
N ILE B 158 -2.56 -33.55 -10.44
CA ILE B 158 -2.51 -32.55 -9.39
C ILE B 158 -3.85 -31.94 -9.01
N ASP B 159 -4.84 -31.99 -9.90
CA ASP B 159 -6.10 -31.28 -9.69
C ASP B 159 -7.22 -32.24 -9.27
N LEU B 160 -7.03 -32.88 -8.13
CA LEU B 160 -8.00 -33.79 -7.58
C LEU B 160 -8.76 -33.14 -6.46
N GLY B 161 -10.04 -33.49 -6.36
CA GLY B 161 -10.84 -32.99 -5.26
C GLY B 161 -10.54 -33.69 -3.95
N PRO B 162 -11.20 -33.24 -2.86
CA PRO B 162 -10.96 -33.70 -1.50
C PRO B 162 -11.01 -35.20 -1.33
N ASP B 163 -12.05 -35.84 -1.88
CA ASP B 163 -12.22 -37.28 -1.70
C ASP B 163 -11.01 -38.03 -2.27
N LEU B 164 -10.55 -37.64 -3.45
CA LEU B 164 -9.44 -38.33 -4.10
C LEU B 164 -8.08 -37.99 -3.51
N VAL B 165 -7.90 -36.77 -2.98
CA VAL B 165 -6.69 -36.49 -2.26
C VAL B 165 -6.62 -37.41 -1.05
N ALA B 166 -7.75 -37.53 -0.35
CA ALA B 166 -7.85 -38.36 0.83
C ALA B 166 -7.50 -39.81 0.52
N ARG B 167 -8.05 -40.29 -0.60
CA ARG B 167 -7.77 -41.63 -1.09
C ARG B 167 -6.29 -41.80 -1.45
N SER B 168 -5.73 -40.79 -2.11
CA SER B 168 -4.34 -40.84 -2.49
C SER B 168 -3.49 -40.99 -1.25
N LEU B 169 -3.79 -40.18 -0.26
CA LEU B 169 -3.06 -40.22 1.02
C LEU B 169 -3.13 -41.61 1.68
N ALA B 170 -4.31 -42.21 1.72
CA ALA B 170 -4.49 -43.56 2.27
C ALA B 170 -3.76 -44.62 1.45
N GLU B 171 -3.85 -44.54 0.13
CA GLU B 171 -3.36 -45.66 -0.67
C GLU B 171 -1.91 -45.53 -1.09
N VAL B 172 -1.46 -44.30 -1.31
CA VAL B 172 -0.10 -44.05 -1.77
C VAL B 172 0.82 -43.54 -0.63
N GLY B 173 0.25 -42.87 0.35
CA GLY B 173 1.04 -42.25 1.45
C GLY B 173 1.41 -40.78 1.20
N ILE B 174 0.84 -40.20 0.15
CA ILE B 174 1.07 -38.79 -0.21
C ILE B 174 -0.16 -38.29 -0.98
N GLY B 175 -0.46 -37.01 -0.81
CA GLY B 175 -1.50 -36.38 -1.56
C GLY B 175 -1.12 -34.96 -1.85
N PHE B 176 -1.80 -34.36 -2.82
CA PHE B 176 -1.51 -33.00 -3.22
C PHE B 176 -2.79 -32.23 -3.37
N CYS B 177 -2.88 -31.13 -2.61
CA CYS B 177 -4.03 -30.22 -2.65
C CYS B 177 -3.73 -29.03 -3.55
N PHE B 178 -4.33 -28.98 -4.73
CA PHE B 178 -4.08 -27.89 -5.69
C PHE B 178 -4.83 -26.64 -5.23
N ALA B 179 -4.08 -25.60 -4.92
CA ALA B 179 -4.63 -24.44 -4.21
C ALA B 179 -5.85 -23.85 -4.87
N PRO B 180 -5.83 -23.64 -6.20
CA PRO B 180 -7.04 -23.11 -6.85
C PRO B 180 -8.28 -23.99 -6.69
N ARG B 181 -8.09 -25.30 -6.54
CA ARG B 181 -9.19 -26.25 -6.35
CA ARG B 181 -9.19 -26.25 -6.35
C ARG B 181 -9.76 -26.10 -4.93
N PHE B 182 -8.89 -25.88 -3.96
CA PHE B 182 -9.28 -25.88 -2.55
C PHE B 182 -9.64 -24.52 -1.95
N HIS B 183 -9.12 -23.46 -2.55
CA HIS B 183 -9.36 -22.09 -2.13
C HIS B 183 -10.02 -21.24 -3.24
N PRO B 184 -11.14 -21.71 -3.78
CA PRO B 184 -11.77 -20.92 -4.86
C PRO B 184 -12.07 -19.44 -4.53
N SER B 185 -12.41 -19.16 -3.27
CA SER B 185 -12.75 -17.79 -2.86
C SER B 185 -11.54 -16.85 -2.74
N TYR B 186 -10.33 -17.37 -2.87
CA TYR B 186 -9.11 -16.56 -2.86
C TYR B 186 -8.81 -15.95 -4.21
N ARG B 187 -9.61 -16.29 -5.22
CA ARG B 187 -9.32 -15.86 -6.58
C ARG B 187 -9.24 -14.33 -6.74
N HIS B 188 -9.99 -13.56 -5.97
CA HIS B 188 -9.92 -12.09 -6.05
C HIS B 188 -8.56 -11.62 -5.58
N ALA B 189 -8.10 -12.18 -4.47
CA ALA B 189 -6.80 -11.83 -3.92
C ALA B 189 -5.68 -12.27 -4.85
N ALA B 190 -5.80 -13.48 -5.41
CA ALA B 190 -4.74 -14.02 -6.29
C ALA B 190 -4.55 -13.14 -7.52
N ALA B 191 -5.63 -12.65 -8.10
CA ALA B 191 -5.53 -11.77 -9.26
C ALA B 191 -4.86 -10.43 -8.91
N VAL B 192 -5.13 -9.89 -7.73
CA VAL B 192 -4.45 -8.65 -7.29
C VAL B 192 -2.95 -8.90 -7.12
N ARG B 193 -2.61 -10.04 -6.52
CA ARG B 193 -1.23 -10.46 -6.34
C ARG B 193 -0.48 -10.45 -7.67
N ARG B 194 -1.08 -11.00 -8.71
CA ARG B 194 -0.47 -11.04 -10.03
C ARG B 194 -0.38 -9.65 -10.65
N GLU B 195 -1.41 -8.84 -10.44
CA GLU B 195 -1.43 -7.51 -11.00
C GLU B 195 -0.33 -6.61 -10.42
N ILE B 196 -0.11 -6.68 -9.11
CA ILE B 196 0.88 -5.80 -8.48
C ILE B 196 2.29 -6.39 -8.51
N GLY B 197 2.42 -7.71 -8.60
CA GLY B 197 3.72 -8.35 -8.80
C GLY B 197 4.56 -8.46 -7.53
N VAL B 198 4.74 -7.35 -6.83
CA VAL B 198 5.52 -7.28 -5.60
C VAL B 198 5.08 -8.33 -4.54
N PRO B 199 6.04 -9.00 -3.84
CA PRO B 199 5.68 -9.82 -2.68
C PRO B 199 5.06 -9.01 -1.57
N THR B 200 4.06 -9.59 -0.93
CA THR B 200 3.36 -8.98 0.15
C THR B 200 3.14 -10.05 1.21
N VAL B 201 2.50 -9.64 2.29
CA VAL B 201 2.10 -10.57 3.36
C VAL B 201 1.28 -11.75 2.79
N PHE B 202 0.57 -11.55 1.70
CA PHE B 202 -0.20 -12.63 1.10
C PHE B 202 0.67 -13.82 0.66
N ASN B 203 1.93 -13.53 0.32
CA ASN B 203 2.87 -14.58 -0.05
C ASN B 203 3.12 -15.55 1.08
N LEU B 204 2.79 -15.15 2.31
CA LEU B 204 2.92 -16.08 3.43
C LEU B 204 1.78 -17.07 3.57
N LEU B 205 0.64 -16.83 2.92
CA LEU B 205 -0.57 -17.54 3.28
C LEU B 205 -0.58 -19.00 2.79
N GLY B 206 0.07 -19.30 1.68
CA GLY B 206 0.10 -20.65 1.11
C GLY B 206 0.46 -21.72 2.12
N PRO B 207 1.67 -21.62 2.70
CA PRO B 207 2.09 -22.55 3.72
C PRO B 207 1.19 -22.60 4.96
N LEU B 208 0.51 -21.50 5.29
CA LEU B 208 -0.33 -21.45 6.47
C LEU B 208 -1.75 -21.89 6.22
N THR B 209 -2.10 -22.24 4.98
CA THR B 209 -3.50 -22.54 4.66
C THR B 209 -3.68 -23.88 3.92
N ASN B 210 -2.79 -24.81 4.21
CA ASN B 210 -2.93 -26.17 3.70
C ASN B 210 -4.30 -26.70 4.14
N PRO B 211 -5.18 -27.02 3.16
CA PRO B 211 -6.53 -27.40 3.56
C PRO B 211 -6.62 -28.71 4.34
N ALA B 212 -5.60 -29.55 4.27
CA ALA B 212 -5.56 -30.77 5.09
C ALA B 212 -5.11 -30.51 6.51
N ARG B 213 -4.64 -29.31 6.82
CA ARG B 213 -4.24 -28.93 8.19
C ARG B 213 -3.26 -29.90 8.84
N PRO B 214 -2.21 -30.33 8.12
CA PRO B 214 -1.23 -31.16 8.83
C PRO B 214 -0.63 -30.40 9.98
N ARG B 215 -0.26 -31.09 11.04
CA ARG B 215 0.22 -30.42 12.25
C ARG B 215 1.73 -30.28 12.30
N ALA B 216 2.42 -30.79 11.28
CA ALA B 216 3.87 -30.74 11.21
C ALA B 216 4.29 -30.30 9.83
N GLY B 217 5.48 -29.74 9.73
CA GLY B 217 5.98 -29.37 8.40
C GLY B 217 7.39 -28.83 8.39
N LEU B 218 7.98 -28.85 7.19
CA LEU B 218 9.18 -28.11 6.92
C LEU B 218 8.76 -26.97 6.00
N ILE B 219 8.81 -25.75 6.50
CA ILE B 219 8.25 -24.59 5.81
C ILE B 219 9.34 -23.60 5.44
N GLY B 220 9.52 -23.39 4.15
CA GLY B 220 10.54 -22.46 3.69
C GLY B 220 9.98 -21.05 3.62
N CYS B 221 10.79 -20.07 3.97
CA CYS B 221 10.41 -18.67 3.80
C CYS B 221 11.55 -17.93 3.08
N ALA B 222 11.23 -17.37 1.92
CA ALA B 222 12.20 -16.62 1.13
C ALA B 222 12.50 -15.25 1.72
N PHE B 223 11.68 -14.78 2.66
CA PHE B 223 11.79 -13.43 3.23
C PHE B 223 12.25 -13.57 4.66
N ALA B 224 13.54 -13.30 4.88
CA ALA B 224 14.15 -13.45 6.21
C ALA B 224 13.35 -12.73 7.30
N ASP B 225 12.82 -11.56 6.96
CA ASP B 225 12.13 -10.71 7.91
C ASP B 225 10.70 -11.17 8.23
N LEU B 226 10.24 -12.26 7.61
CA LEU B 226 8.89 -12.77 7.83
C LEU B 226 8.85 -14.22 8.32
N ALA B 227 10.00 -14.89 8.33
CA ALA B 227 10.08 -16.27 8.77
C ALA B 227 9.63 -16.37 10.23
N GLU B 228 10.00 -15.37 11.03
CA GLU B 228 9.66 -15.35 12.45
C GLU B 228 8.13 -15.23 12.65
N VAL B 229 7.49 -14.40 11.84
CA VAL B 229 6.04 -14.22 11.90
C VAL B 229 5.35 -15.57 11.59
N MET B 230 5.78 -16.22 10.50
CA MET B 230 5.24 -17.55 10.12
C MET B 230 5.37 -18.52 11.27
N ALA B 231 6.55 -18.57 11.86
CA ALA B 231 6.79 -19.42 13.00
C ALA B 231 5.81 -19.16 14.10
N GLY B 232 5.53 -17.87 14.35
CA GLY B 232 4.62 -17.46 15.41
C GLY B 232 3.23 -17.98 15.15
N VAL B 233 2.81 -18.01 13.89
CA VAL B 233 1.48 -18.49 13.57
C VAL B 233 1.44 -20.00 13.85
N PHE B 234 2.43 -20.73 13.39
CA PHE B 234 2.50 -22.17 13.72
C PHE B 234 2.56 -22.45 15.21
N ALA B 235 3.23 -21.57 15.95
CA ALA B 235 3.34 -21.78 17.39
C ALA B 235 2.00 -21.58 18.07
N ALA B 236 1.24 -20.58 17.64
CA ALA B 236 -0.13 -20.41 18.15
C ALA B 236 -1.03 -21.64 17.87
N ARG B 237 -0.76 -22.38 16.80
CA ARG B 237 -1.52 -23.62 16.52
C ARG B 237 -0.96 -24.87 17.18
N ARG B 238 0.17 -24.74 17.87
CA ARG B 238 0.88 -25.86 18.45
C ARG B 238 1.30 -26.92 17.44
N SER B 239 1.69 -26.45 16.24
CA SER B 239 2.29 -27.30 15.24
C SER B 239 3.75 -27.60 15.56
N SER B 240 4.22 -28.72 15.06
CA SER B 240 5.61 -29.02 15.10
C SER B 240 6.20 -28.70 13.74
N VAL B 241 6.91 -27.58 13.66
CA VAL B 241 7.39 -27.09 12.39
C VAL B 241 8.81 -26.53 12.52
N LEU B 242 9.57 -26.70 11.44
CA LEU B 242 10.81 -25.97 11.22
C LEU B 242 10.54 -24.98 10.11
N VAL B 243 10.61 -23.69 10.44
CA VAL B 243 10.55 -22.65 9.42
C VAL B 243 11.99 -22.34 9.06
N VAL B 244 12.31 -22.41 7.77
CA VAL B 244 13.70 -22.29 7.34
C VAL B 244 13.91 -21.24 6.27
N HIS B 245 15.09 -20.63 6.31
CA HIS B 245 15.54 -19.68 5.29
C HIS B 245 17.05 -19.88 5.14
N GLY B 246 17.48 -20.34 3.98
CA GLY B 246 18.89 -20.44 3.68
C GLY B 246 19.52 -19.06 3.73
N ASP B 247 20.73 -18.97 4.27
CA ASP B 247 21.37 -17.66 4.39
C ASP B 247 21.88 -17.15 3.03
N ASP B 248 21.69 -17.96 1.97
CA ASP B 248 21.86 -17.55 0.57
C ASP B 248 20.54 -17.07 -0.09
N GLY B 249 19.47 -16.99 0.71
CA GLY B 249 18.16 -16.52 0.23
C GLY B 249 17.18 -17.62 -0.19
N LEU B 250 17.57 -18.88 -0.12
CA LEU B 250 16.65 -19.96 -0.50
C LEU B 250 15.53 -20.13 0.52
N ASP B 251 14.33 -20.45 0.02
CA ASP B 251 13.21 -20.84 0.90
C ASP B 251 13.25 -22.37 1.09
N GLU B 252 14.46 -22.87 1.35
CA GLU B 252 14.72 -24.30 1.56
C GLU B 252 15.94 -24.37 2.45
N LEU B 253 16.20 -25.53 3.02
CA LEU B 253 17.48 -25.76 3.65
C LEU B 253 18.47 -25.89 2.52
N THR B 254 19.51 -25.08 2.58
CA THR B 254 20.48 -25.03 1.52
C THR B 254 21.73 -25.82 1.89
N THR B 255 22.47 -26.20 0.87
CA THR B 255 23.78 -26.78 1.01
C THR B 255 24.87 -25.79 0.60
N THR B 256 24.50 -24.63 0.08
CA THR B 256 25.49 -23.63 -0.36
C THR B 256 26.07 -22.85 0.79
N THR B 257 25.36 -22.80 1.92
CA THR B 257 25.85 -22.16 3.14
C THR B 257 24.94 -22.53 4.32
N THR B 258 25.00 -21.75 5.40
CA THR B 258 24.18 -21.96 6.58
C THR B 258 22.72 -21.56 6.33
N SER B 259 21.84 -22.03 7.20
CA SER B 259 20.44 -21.64 7.19
C SER B 259 20.02 -21.18 8.57
N THR B 260 19.00 -20.35 8.65
CA THR B 260 18.38 -20.02 9.90
C THR B 260 17.10 -20.86 10.02
N ILE B 261 16.91 -21.47 11.19
CA ILE B 261 15.78 -22.34 11.43
C ILE B 261 15.06 -21.80 12.66
N TRP B 262 13.79 -21.47 12.49
CA TRP B 262 12.92 -21.21 13.62
C TRP B 262 12.23 -22.53 13.90
N ARG B 263 12.68 -23.17 14.97
CA ARG B 263 12.11 -24.40 15.47
C ARG B 263 10.85 -24.10 16.26
N VAL B 264 9.73 -24.67 15.84
CA VAL B 264 8.48 -24.50 16.56
C VAL B 264 8.08 -25.84 17.15
N ALA B 265 7.94 -25.85 18.47
CA ALA B 265 7.40 -27.01 19.16
C ALA B 265 6.92 -26.58 20.56
N ALA B 266 5.93 -27.28 21.07
CA ALA B 266 5.32 -26.92 22.36
C ALA B 266 4.90 -25.45 22.41
N GLY B 267 4.35 -24.96 21.30
CA GLY B 267 3.86 -23.59 21.23
C GLY B 267 4.88 -22.49 21.45
N SER B 268 6.18 -22.81 21.40
CA SER B 268 7.24 -21.80 21.48
C SER B 268 8.17 -21.86 20.27
N VAL B 269 8.67 -20.68 19.87
CA VAL B 269 9.61 -20.53 18.77
C VAL B 269 11.03 -20.33 19.28
N ASP B 270 11.96 -21.03 18.64
CA ASP B 270 13.37 -20.98 18.99
C ASP B 270 14.24 -20.80 17.73
N LYS B 271 14.94 -19.67 17.65
CA LYS B 271 15.76 -19.35 16.48
C LYS B 271 17.13 -20.00 16.57
N LEU B 272 17.57 -20.58 15.46
CA LEU B 272 18.78 -21.40 15.39
C LEU B 272 19.54 -21.14 14.09
N THR B 273 20.86 -21.30 14.12
CA THR B 273 21.69 -21.38 12.91
C THR B 273 21.96 -22.84 12.65
N PHE B 274 21.86 -23.23 11.39
CA PHE B 274 22.08 -24.60 10.98
C PHE B 274 23.18 -24.66 9.94
N ASP B 275 24.16 -25.51 10.17
CA ASP B 275 25.28 -25.67 9.23
C ASP B 275 25.34 -27.13 8.80
N PRO B 276 25.04 -27.42 7.51
CA PRO B 276 25.09 -28.79 7.01
C PRO B 276 26.47 -29.45 7.08
N ALA B 277 27.53 -28.63 7.03
CA ALA B 277 28.92 -29.12 7.08
C ALA B 277 29.11 -30.03 8.27
N GLY B 278 28.51 -29.66 9.40
CA GLY B 278 28.54 -30.51 10.60
C GLY B 278 28.00 -31.93 10.45
N PHE B 279 27.22 -32.20 9.39
CA PHE B 279 26.79 -33.58 9.09
C PHE B 279 27.58 -34.16 7.92
N GLY B 280 28.64 -33.47 7.51
CA GLY B 280 29.51 -33.96 6.46
C GLY B 280 29.15 -33.52 5.06
N PHE B 281 28.19 -32.59 4.91
CA PHE B 281 27.83 -32.08 3.60
C PHE B 281 28.86 -31.08 3.08
N ALA B 282 29.39 -31.32 1.88
CA ALA B 282 30.23 -30.33 1.19
C ALA B 282 29.43 -29.08 0.81
N ARG B 283 30.09 -27.92 0.76
CA ARG B 283 29.44 -26.70 0.28
C ARG B 283 29.22 -26.86 -1.20
N ALA B 284 28.00 -26.66 -1.66
CA ALA B 284 27.72 -26.72 -3.08
C ALA B 284 27.63 -25.30 -3.61
N GLN B 285 27.66 -25.14 -4.92
CA GLN B 285 27.37 -23.85 -5.55
C GLN B 285 25.91 -23.78 -5.94
N LEU B 286 25.37 -22.57 -5.92
CA LEU B 286 23.96 -22.33 -6.18
C LEU B 286 23.55 -22.83 -7.57
N ASP B 287 24.40 -22.62 -8.56
CA ASP B 287 24.08 -23.07 -9.93
C ASP B 287 24.06 -24.60 -10.09
N GLN B 288 24.63 -25.32 -9.13
CA GLN B 288 24.51 -26.77 -9.12
C GLN B 288 23.07 -27.22 -8.81
N LEU B 289 22.25 -26.33 -8.26
CA LEU B 289 20.87 -26.62 -7.92
C LEU B 289 19.86 -25.97 -8.89
N ALA B 290 20.35 -25.33 -9.95
CA ALA B 290 19.51 -24.58 -10.89
C ALA B 290 18.56 -25.50 -11.65
N GLY B 291 17.36 -25.01 -11.93
CA GLY B 291 16.36 -25.84 -12.61
C GLY B 291 16.05 -25.24 -13.96
N GLY B 292 15.21 -25.92 -14.72
CA GLY B 292 14.70 -25.38 -15.96
C GLY B 292 13.19 -25.51 -16.09
N ASP B 293 12.74 -25.85 -17.28
CA ASP B 293 11.33 -26.06 -17.53
C ASP B 293 10.86 -27.36 -16.84
N ALA B 294 9.56 -27.62 -16.96
CA ALA B 294 8.93 -28.74 -16.27
C ALA B 294 9.58 -30.08 -16.64
N GLN B 295 9.93 -30.23 -17.91
CA GLN B 295 10.60 -31.47 -18.35
C GLN B 295 11.99 -31.69 -17.74
N ALA B 296 12.78 -30.61 -17.69
CA ALA B 296 14.10 -30.63 -17.10
C ALA B 296 14.01 -31.00 -15.62
N ASN B 297 13.08 -30.35 -14.94
CA ASN B 297 12.88 -30.58 -13.54
C ASN B 297 12.31 -31.96 -13.28
N ALA B 298 11.49 -32.49 -14.19
CA ALA B 298 11.02 -33.88 -14.07
C ALA B 298 12.21 -34.87 -14.16
N ALA B 299 13.07 -34.70 -15.15
CA ALA B 299 14.27 -35.53 -15.26
C ALA B 299 15.15 -35.42 -14.01
N ALA B 300 15.22 -34.24 -13.40
CA ALA B 300 15.99 -34.07 -12.15
C ALA B 300 15.39 -34.92 -11.03
N VAL B 301 14.06 -34.96 -10.96
CA VAL B 301 13.40 -35.77 -9.94
C VAL B 301 13.79 -37.23 -10.18
N ARG B 302 13.68 -37.68 -11.45
CA ARG B 302 13.97 -39.08 -11.77
C ARG B 302 15.40 -39.48 -11.43
N ALA B 303 16.33 -38.57 -11.72
CA ALA B 303 17.74 -38.80 -11.43
C ALA B 303 17.95 -39.03 -9.95
N VAL B 304 17.33 -38.17 -9.13
CA VAL B 304 17.56 -38.25 -7.70
C VAL B 304 16.93 -39.52 -7.12
N LEU B 305 15.71 -39.85 -7.56
CA LEU B 305 15.04 -41.03 -7.04
C LEU B 305 15.70 -42.31 -7.50
N GLY B 306 16.38 -42.26 -8.64
CA GLY B 306 17.16 -43.38 -9.13
C GLY B 306 18.47 -43.59 -8.41
N GLY B 307 18.79 -42.67 -7.51
CA GLY B 307 19.93 -42.77 -6.62
C GLY B 307 21.19 -42.03 -7.07
N ALA B 308 21.10 -41.11 -8.03
CA ALA B 308 22.29 -40.37 -8.48
C ALA B 308 22.87 -39.53 -7.35
N ARG B 309 24.20 -39.51 -7.25
CA ARG B 309 24.90 -38.73 -6.23
C ARG B 309 25.01 -37.31 -6.70
N GLY B 310 25.21 -36.41 -5.77
CA GLY B 310 25.53 -35.05 -6.12
C GLY B 310 24.83 -34.05 -5.26
N PRO B 311 25.00 -32.77 -5.60
CA PRO B 311 24.43 -31.68 -4.80
C PRO B 311 22.89 -31.70 -4.72
N VAL B 312 22.22 -32.19 -5.74
CA VAL B 312 20.75 -32.14 -5.72
C VAL B 312 20.23 -33.15 -4.68
N ARG B 313 20.71 -34.38 -4.76
CA ARG B 313 20.44 -35.40 -3.74
C ARG B 313 20.78 -34.88 -2.35
N ASP B 314 21.97 -34.31 -2.19
CA ASP B 314 22.34 -33.77 -0.87
C ASP B 314 21.26 -32.82 -0.36
N ALA B 315 20.85 -31.88 -1.21
CA ALA B 315 19.84 -30.88 -0.83
C ALA B 315 18.47 -31.53 -0.52
N VAL B 316 18.09 -32.52 -1.33
CA VAL B 316 16.83 -33.23 -1.09
C VAL B 316 16.84 -33.99 0.23
N VAL B 317 17.93 -34.69 0.49
CA VAL B 317 18.09 -35.46 1.69
C VAL B 317 18.03 -34.56 2.94
N LEU B 318 18.67 -33.42 2.84
CA LEU B 318 18.67 -32.44 3.91
C LEU B 318 17.26 -31.94 4.20
N ASN B 319 16.52 -31.58 3.17
CA ASN B 319 15.18 -31.05 3.39
C ASN B 319 14.24 -32.16 3.83
N ALA B 320 14.40 -33.37 3.26
CA ALA B 320 13.63 -34.51 3.73
C ALA B 320 13.87 -34.77 5.23
N ALA B 321 15.14 -34.78 5.65
CA ALA B 321 15.46 -34.99 7.05
C ALA B 321 14.79 -33.95 7.95
N GLY B 322 14.83 -32.69 7.52
CA GLY B 322 14.16 -31.59 8.23
C GLY B 322 12.67 -31.81 8.49
N ALA B 323 11.96 -32.27 7.46
CA ALA B 323 10.55 -32.65 7.59
C ALA B 323 10.39 -33.80 8.55
N ILE B 324 11.29 -34.77 8.47
CA ILE B 324 11.21 -35.93 9.37
C ILE B 324 11.44 -35.51 10.80
N VAL B 325 12.39 -34.61 11.00
CA VAL B 325 12.64 -34.02 12.32
C VAL B 325 11.40 -33.30 12.84
N ALA B 326 10.74 -32.52 11.98
CA ALA B 326 9.51 -31.86 12.41
C ALA B 326 8.44 -32.87 12.75
N HIS B 327 8.29 -33.92 11.92
CA HIS B 327 7.35 -34.99 12.24
C HIS B 327 7.63 -35.63 13.64
N ALA B 328 8.90 -35.78 13.99
CA ALA B 328 9.27 -36.42 15.27
C ALA B 328 8.83 -35.58 16.45
N GLY B 329 8.86 -34.26 16.27
CA GLY B 329 8.45 -33.31 17.30
C GLY B 329 6.98 -33.38 17.65
N LEU B 330 6.18 -34.12 16.89
CA LEU B 330 4.76 -34.29 17.21
C LEU B 330 4.56 -35.20 18.43
N SER B 331 5.49 -36.12 18.66
CA SER B 331 5.33 -37.10 19.74
C SER B 331 6.51 -37.18 20.68
N SER B 332 7.39 -36.18 20.63
CA SER B 332 8.59 -36.19 21.47
C SER B 332 9.26 -34.84 21.48
N ARG B 333 10.24 -34.70 22.36
CA ARG B 333 11.26 -33.65 22.26
C ARG B 333 12.62 -34.35 22.30
N ALA B 334 12.92 -35.10 21.24
CA ALA B 334 14.20 -35.79 21.10
C ALA B 334 15.30 -34.77 20.88
N GLU B 335 16.53 -35.14 21.23
CA GLU B 335 17.67 -34.25 21.05
C GLU B 335 17.81 -33.94 19.56
N TRP B 336 18.16 -32.69 19.32
CA TRP B 336 18.25 -32.12 18.00
C TRP B 336 19.19 -32.90 17.08
N LEU B 337 20.43 -33.12 17.54
CA LEU B 337 21.43 -33.75 16.69
C LEU B 337 21.10 -35.19 16.37
N PRO B 338 20.66 -35.98 17.37
CA PRO B 338 20.27 -37.35 17.02
C PRO B 338 19.03 -37.39 16.12
N ALA B 339 18.10 -36.45 16.30
CA ALA B 339 16.91 -36.39 15.46
C ALA B 339 17.34 -36.18 14.02
N TRP B 340 18.27 -35.27 13.81
CA TRP B 340 18.80 -35.01 12.47
C TRP B 340 19.50 -36.20 11.85
N GLU B 341 20.32 -36.91 12.64
CA GLU B 341 21.09 -38.03 12.14
C GLU B 341 20.15 -39.15 11.64
N GLU B 342 19.14 -39.45 12.44
CA GLU B 342 18.13 -40.43 12.07
C GLU B 342 17.32 -39.91 10.88
N GLY B 343 17.00 -38.62 10.87
CA GLY B 343 16.31 -38.01 9.72
C GLY B 343 17.04 -38.17 8.41
N LEU B 344 18.34 -37.89 8.42
CA LEU B 344 19.15 -38.03 7.24
C LEU B 344 19.31 -39.50 6.82
N ARG B 345 19.44 -40.38 7.80
CA ARG B 345 19.58 -41.78 7.51
C ARG B 345 18.30 -42.33 6.85
N ARG B 346 17.16 -41.98 7.43
CA ARG B 346 15.86 -42.39 6.90
C ARG B 346 15.64 -41.86 5.47
N ALA B 347 15.98 -40.60 5.22
CA ALA B 347 15.87 -40.03 3.89
C ALA B 347 16.75 -40.77 2.90
N SER B 348 17.98 -41.05 3.33
CA SER B 348 18.95 -41.72 2.46
C SER B 348 18.50 -43.13 2.16
N ALA B 349 18.02 -43.84 3.18
CA ALA B 349 17.52 -45.20 2.97
C ALA B 349 16.30 -45.21 2.02
N ALA B 350 15.41 -44.24 2.17
CA ALA B 350 14.19 -44.22 1.37
C ALA B 350 14.56 -44.15 -0.08
N ILE B 351 15.63 -43.43 -0.38
CA ILE B 351 16.09 -43.38 -1.77
C ILE B 351 16.77 -44.68 -2.16
N ASP B 352 17.74 -45.10 -1.34
CA ASP B 352 18.64 -46.18 -1.75
C ASP B 352 18.01 -47.58 -1.72
N THR B 353 16.91 -47.75 -0.99
CA THR B 353 16.14 -48.99 -1.06
C THR B 353 15.24 -49.06 -2.25
N GLY B 354 15.10 -47.96 -2.99
CA GLY B 354 14.18 -47.89 -4.12
C GLY B 354 12.81 -47.38 -3.70
N ALA B 355 12.58 -47.21 -2.40
CA ALA B 355 11.29 -46.87 -1.86
C ALA B 355 10.76 -45.55 -2.45
N ALA B 356 11.64 -44.55 -2.62
CA ALA B 356 11.18 -43.26 -3.13
C ALA B 356 10.78 -43.31 -4.61
N GLU B 357 11.60 -43.99 -5.42
CA GLU B 357 11.29 -44.18 -6.83
C GLU B 357 9.99 -44.97 -6.93
N GLN B 358 9.88 -46.03 -6.14
CA GLN B 358 8.64 -46.82 -6.10
C GLN B 358 7.40 -46.03 -5.69
N LEU B 359 7.54 -45.13 -4.71
CA LEU B 359 6.39 -44.32 -4.25
C LEU B 359 5.90 -43.38 -5.34
N LEU B 360 6.82 -42.76 -6.08
CA LEU B 360 6.41 -41.91 -7.18
C LEU B 360 5.65 -42.74 -8.19
N ALA B 361 6.15 -43.93 -8.51
CA ALA B 361 5.44 -44.81 -9.47
C ALA B 361 4.03 -45.16 -8.96
N ARG B 362 3.91 -45.50 -7.68
CA ARG B 362 2.59 -45.80 -7.12
C ARG B 362 1.64 -44.61 -7.23
N TRP B 363 2.19 -43.42 -6.95
CA TRP B 363 1.43 -42.18 -7.03
C TRP B 363 0.90 -41.91 -8.43
N VAL B 364 1.76 -42.09 -9.43
CA VAL B 364 1.34 -42.00 -10.85
C VAL B 364 0.31 -43.06 -11.18
N ARG B 365 0.55 -44.29 -10.76
CA ARG B 365 -0.41 -45.36 -10.94
C ARG B 365 -1.79 -45.03 -10.33
N PHE B 366 -1.79 -44.48 -9.13
CA PHE B 366 -3.06 -44.09 -8.49
C PHE B 366 -3.88 -43.12 -9.37
N GLY B 367 -3.22 -42.09 -9.87
CA GLY B 367 -3.89 -41.09 -10.70
C GLY B 367 -4.41 -41.70 -11.98
N ARG B 368 -3.69 -42.68 -12.54
CA ARG B 368 -4.12 -43.31 -13.79
C ARG B 368 -5.33 -44.23 -13.59
N GLN B 369 -5.56 -44.67 -12.35
CA GLN B 369 -6.70 -45.53 -12.01
C GLN B 369 -8.02 -44.77 -11.88
N ILE B 370 -7.96 -43.46 -11.80
CA ILE B 370 -9.16 -42.66 -11.56
C ILE B 370 -10.13 -42.77 -12.72
N LEU B 371 -9.63 -42.75 -13.95
CA LEU B 371 -10.52 -42.85 -15.10
C LEU B 371 -11.57 -43.97 -14.93
N GLU B 372 -11.13 -45.19 -14.63
CA GLU B 372 -12.04 -46.34 -14.42
C GLU B 372 -12.22 -46.68 -12.93
MG MG C . -8.54 25.27 2.76
MG MG D . -9.08 23.67 5.65
C1 PRP E . -9.82 21.71 0.25
C2 PRP E . -10.54 20.59 -0.51
C3 PRP E . -11.89 20.56 0.19
C4 PRP E . -11.61 21.14 1.58
C5 PRP E . -11.92 20.14 2.68
O1 PRP E . -10.37 22.94 -0.22
O2 PRP E . -10.70 20.86 -1.92
O3 PRP E . -12.84 21.41 -0.46
O4 PRP E . -10.22 21.48 1.60
O5 PRP E . -11.56 18.85 2.20
P PRP E . -11.87 17.53 3.09
O1P PRP E . -11.38 17.94 4.46
O2P PRP E . -11.01 16.48 2.41
O3P PRP E . -13.35 17.33 2.92
PA PRP E . -10.00 24.48 0.09
O1A PRP E . -10.28 25.07 -1.25
O2A PRP E . -8.73 24.72 0.89
O3A PRP E . -11.37 24.86 0.82
PB PRP E . -11.78 25.60 2.16
O1B PRP E . -12.50 26.86 1.68
O2B PRP E . -10.50 25.79 2.95
O3B PRP E . -12.79 24.62 2.72
OAB 3F0 F . -14.23 13.11 -8.78
CAH 3F0 F . -13.80 12.67 -9.87
OAC 3F0 F . -14.35 11.67 -10.39
CAK 3F0 F . -12.72 13.30 -10.48
CAG 3F0 F . -12.45 13.10 -11.84
CAE 3F0 F . -11.34 13.75 -12.42
CAF 3F0 F . -10.53 14.59 -11.64
CAJ 3F0 F . -10.81 14.80 -10.29
FAD 3F0 F . -9.98 15.65 -9.40
CAI 3F0 F . -11.88 14.15 -9.73
NAA 3F0 F . -12.10 14.37 -8.43
C1 GOL G . 4.74 37.80 14.14
O1 GOL G . 4.14 37.44 15.37
C2 GOL G . 4.89 36.57 13.25
O2 GOL G . 5.16 35.41 14.06
C3 GOL G . 6.02 36.87 12.24
O3 GOL G . 6.25 35.79 11.36
MG MG H . 9.99 -25.28 -1.93
MG MG I . 12.46 -23.29 -3.37
C1 PRP J . 6.50 -23.08 -3.89
C2 PRP J . 5.50 -22.48 -4.86
C3 PRP J . 6.16 -22.84 -6.17
C4 PRP J . 7.66 -22.78 -5.84
C5 PRP J . 8.37 -21.61 -6.49
O1 PRP J . 6.35 -24.48 -4.04
O2 PRP J . 4.17 -23.02 -4.73
O3 PRP J . 5.78 -24.16 -6.58
O4 PRP J . 7.76 -22.69 -4.41
O5 PRP J . 7.66 -20.41 -6.20
P PRP J . 7.90 -19.11 -7.12
O1P PRP J . 7.12 -17.97 -6.51
O2P PRP J . 9.40 -18.94 -6.95
O3P PRP J . 7.43 -19.54 -8.51
PA PRP J . 7.02 -25.68 -3.22
O1A PRP J . 7.89 -25.22 -2.09
O2A PRP J . 5.88 -26.59 -2.90
O3A PRP J . 7.75 -26.41 -4.46
PB PRP J . 9.28 -26.75 -4.83
O1B PRP J . 9.44 -26.04 -6.16
O2B PRP J . 9.25 -28.27 -4.97
O3B PRP J . 10.17 -26.26 -3.69
OAB 3F0 K . -5.04 -18.05 -9.35
CAH 3F0 K . -6.11 -18.32 -8.77
OAC 3F0 K . -7.20 -18.12 -9.37
CAK 3F0 K . -6.16 -18.85 -7.47
CAG 3F0 K . -7.42 -19.07 -6.92
CAE 3F0 K . -7.54 -19.57 -5.63
CAF 3F0 K . -6.41 -19.89 -4.89
CAJ 3F0 K . -5.15 -19.69 -5.41
FAD 3F0 K . -4.02 -20.00 -4.67
CAI 3F0 K . -5.03 -19.17 -6.69
NAA 3F0 K . -3.79 -19.00 -7.16
N1 IMD L . 16.55 -48.14 -6.76
C2 IMD L . 16.37 -46.82 -6.94
N3 IMD L . 17.43 -46.18 -6.40
C4 IMD L . 18.27 -47.08 -5.90
C5 IMD L . 17.72 -48.32 -6.11
#